data_8ZUY
#
_entry.id   8ZUY
#
_cell.length_a   1.00
_cell.length_b   1.00
_cell.length_c   1.00
_cell.angle_alpha   90.00
_cell.angle_beta   90.00
_cell.angle_gamma   90.00
#
_symmetry.space_group_name_H-M   'P 1'
#
loop_
_entity.id
_entity.type
_entity.pdbx_description
1 polymer 'Propionyl-CoA carboxylase alpha chain, mitochondrial'
2 polymer 'Propionyl-CoA carboxylase beta chain, mitochondrial'
3 polymer 'Propionyl-CoA carboxylase beta chain, mitochondrial'
4 non-polymer "ADENOSINE-5'-TRIPHOSPHATE"
5 non-polymer 'MAGNESIUM ION'
6 non-polymer 'BICARBONATE ION'
7 non-polymer 'propionyl Coenzyme A'
#
loop_
_entity_poly.entity_id
_entity_poly.type
_entity_poly.pdbx_seq_one_letter_code
_entity_poly.pdbx_strand_id
1 'polypeptide(L)'
;MAGFWVGTAPLVAAGRRGRWPPQQLMLSAALRTLKHVLYYSRQCLMVSRNLGSVGYDPNEKTFDKILVANRGEIACRVIR
TCKKMGIKTVAIHSDVDASSVHVKMADEAVCVGPAPTSKSYLNMDAIMEAIKKTRAQAVHPGYGFLSENKEFARCLAAED
VVFIGPDTHAIQAMGDKIESKLLAKKAEVNTIPGFDGVVKDAEEAVRIAREIGYPVMIKASAGGGGKGMRIAWDDEETRD
GFRLSSQEAASSFGDDRLLIEKFIDNPRHIEIQVLGDKHGNALWLNERECSIQRRNQKVVEEAPSIFLDAETRRAMGEQA
VALARAVKYSSAGTVEFLVDSKKNFYFLEMNTRLQVEHPVTECITGLDLVQEMIRVAKGYPLRHKQADIRINGWAVECRV
YAEDPYKSFGLPSIGRLSQYQEPLHLPGVRVDSGIQPGSDISIYYDPMISKLITYGSDRTEALKRMADALDNYVIRGVTH
NIALLREVIINSRFVKGDISTKFLSDVYPDGFKGHMLTKSEKNQLLAIASSLFVAFQLRAQHFQENSRMPVIKPDIANWE
LSVKLHDKVHTVVASNNGSVFSVEVDGSKLNVTSTWNLASPLLSVSVDGTQRTVQCLSREAGGNMSIQFLGTVYKVNILT
RLAAELNKFMLEKVTEDTSSVLRSPMPGVVVAVSVKPGDAVAEGQEICVIEAMKDQNSMTAGKTGTVKSVHCQAGDTVGE
GDLLVELE
;
A
2 'polypeptide(L)'
;DPSDRLVPELDTIVPLESTKAYNMVDIIHSVVDEREFFEIMPNYAKNIIVGFARMNGRTVGIVGNQPKVASGCLDINSSV
KGARFVRFCDAFNIPLITFVDVPGFLPGTAQEYGGIIRHGAKLLYAFAEATVPKVTVITRKAYGGAYDVMSSKHLCGDTN
YAWPTAEIAVMGAKGAVEIIFKGHENVEAAQAEYIEKFANPFPAAVRGFVDDIIQPSSTRARICCDLDVLASKKVQRPWR
KHANIPL
;
B
3 'polypeptide(L)'
;MAAALRVAAVGARLSVLASGLRAAVRSLCSQATSVNERIENKRRTALLGGGQRRIDAQHKRGKLTARERISLLLDPGSFV
ESDMFVEHRCADFGMAADKNKFPGDSVVTGRGRINGRLVYVFSQDFTVFGGSLSGAHAQKICKIMDQAITVGAPVIGLND
SGGARIQEGVESLAGYADIFLRNVTASGVIPQISLIMGPCAGGAVYSPALTDFTFMVKDTSYLFITGPDVVKSVTNEDVT
QEELGGAKTHTTMSGVAHRAFENDVDALCNLRDFFNYLPLSSQDPAPVRECH
;
F
#
loop_
_chem_comp.id
_chem_comp.type
_chem_comp.name
_chem_comp.formula
1VU non-polymer 'propionyl Coenzyme A' 'C24 H40 N7 O17 P3 S'
ATP non-polymer ADENOSINE-5'-TRIPHOSPHATE 'C10 H16 N5 O13 P3'
BCT non-polymer 'BICARBONATE ION' 'C H O3 -1'
MG non-polymer 'MAGNESIUM ION' 'Mg 2'
#
# COMPACT_ATOMS: atom_id res chain seq x y z
N TYR A 56 -4.03 4.12 41.33
CA TYR A 56 -2.80 3.79 40.62
C TYR A 56 -1.62 3.68 41.57
N ASP A 57 -1.84 3.06 42.72
CA ASP A 57 -0.77 2.91 43.70
C ASP A 57 0.13 1.74 43.30
N PRO A 58 1.43 1.97 43.09
CA PRO A 58 2.33 0.86 42.75
C PRO A 58 2.76 0.03 43.95
N ASN A 59 2.47 0.48 45.18
CA ASN A 59 2.83 -0.30 46.36
C ASN A 59 2.07 -1.62 46.41
N GLU A 60 0.80 -1.61 46.02
CA GLU A 60 -0.01 -2.83 46.03
C GLU A 60 0.59 -3.85 45.07
N LYS A 61 0.55 -5.11 45.49
CA LYS A 61 1.18 -6.19 44.73
C LYS A 61 0.12 -6.92 43.93
N THR A 62 0.27 -6.91 42.61
CA THR A 62 -0.59 -7.64 41.68
C THR A 62 0.28 -8.51 40.77
N PHE A 63 -0.33 -9.07 39.75
CA PHE A 63 0.41 -9.90 38.80
C PHE A 63 1.48 -9.08 38.10
N ASP A 64 2.64 -9.70 37.89
CA ASP A 64 3.72 -9.02 37.19
C ASP A 64 3.71 -9.26 35.69
N LYS A 65 2.87 -10.16 35.20
CA LYS A 65 2.77 -10.44 33.77
C LYS A 65 1.34 -10.78 33.41
N ILE A 66 0.77 -10.00 32.49
CA ILE A 66 -0.58 -10.20 31.99
C ILE A 66 -0.52 -10.32 30.48
N LEU A 67 -1.18 -11.35 29.95
CA LEU A 67 -1.28 -11.57 28.51
C LEU A 67 -2.65 -11.12 28.04
N VAL A 68 -2.67 -10.26 27.04
CA VAL A 68 -3.91 -9.73 26.48
C VAL A 68 -4.26 -10.58 25.27
N ALA A 69 -5.28 -11.42 25.41
CA ALA A 69 -5.67 -12.35 24.35
C ALA A 69 -6.73 -11.72 23.45
N ASN A 70 -6.39 -10.56 22.89
CA ASN A 70 -7.31 -9.81 22.06
C ASN A 70 -6.49 -8.88 21.16
N ARG A 71 -7.18 -8.18 20.27
CA ARG A 71 -6.57 -7.26 19.33
C ARG A 71 -7.32 -5.95 19.32
N GLY A 72 -6.84 -5.01 18.52
CA GLY A 72 -7.56 -3.77 18.31
C GLY A 72 -7.39 -2.78 19.46
N GLU A 73 -8.42 -1.95 19.64
CA GLU A 73 -8.34 -0.87 20.62
C GLU A 73 -8.49 -1.36 22.05
N ILE A 74 -9.20 -2.48 22.26
CA ILE A 74 -9.37 -2.98 23.62
C ILE A 74 -8.05 -3.48 24.18
N ALA A 75 -7.24 -4.12 23.33
CA ALA A 75 -5.91 -4.54 23.75
C ALA A 75 -5.05 -3.32 24.11
N CYS A 76 -5.13 -2.26 23.32
CA CYS A 76 -4.37 -1.04 23.63
C CYS A 76 -4.82 -0.45 24.95
N ARG A 77 -6.13 -0.43 25.20
CA ARG A 77 -6.63 0.12 26.45
C ARG A 77 -6.18 -0.70 27.65
N VAL A 78 -6.23 -2.02 27.54
CA VAL A 78 -5.77 -2.89 28.62
C VAL A 78 -4.28 -2.68 28.87
N ILE A 79 -3.50 -2.57 27.79
CA ILE A 79 -2.06 -2.37 27.94
C ILE A 79 -1.77 -1.02 28.58
N ARG A 80 -2.53 0.02 28.24
CA ARG A 80 -2.37 1.31 28.88
C ARG A 80 -2.64 1.23 30.37
N THR A 81 -3.71 0.54 30.75
CA THR A 81 -4.02 0.38 32.17
C THR A 81 -2.91 -0.39 32.89
N CYS A 82 -2.41 -1.45 32.26
CA CYS A 82 -1.34 -2.22 32.88
C CYS A 82 -0.06 -1.39 33.05
N LYS A 83 0.27 -0.58 32.04
CA LYS A 83 1.41 0.31 32.16
C LYS A 83 1.24 1.30 33.30
N LYS A 84 0.03 1.86 33.43
CA LYS A 84 -0.24 2.73 34.57
C LYS A 84 -0.16 1.98 35.90
N MET A 85 -0.39 0.66 35.88
CA MET A 85 -0.28 -0.16 37.07
C MET A 85 1.09 -0.82 37.23
N GLY A 86 2.02 -0.55 36.32
CA GLY A 86 3.35 -1.12 36.41
C GLY A 86 3.38 -2.63 36.26
N ILE A 87 2.69 -3.15 35.26
CA ILE A 87 2.61 -4.58 34.98
C ILE A 87 3.13 -4.84 33.59
N LYS A 88 4.01 -5.83 33.46
CA LYS A 88 4.49 -6.25 32.14
C LYS A 88 3.34 -6.86 31.33
N THR A 89 3.39 -6.66 30.02
CA THR A 89 2.31 -7.07 29.13
C THR A 89 2.84 -7.97 28.03
N VAL A 90 2.04 -8.98 27.68
CA VAL A 90 2.31 -9.85 26.53
C VAL A 90 1.13 -9.72 25.57
N ALA A 91 1.44 -9.49 24.30
CA ALA A 91 0.42 -9.25 23.28
C ALA A 91 0.48 -10.37 22.24
N ILE A 92 -0.64 -11.03 22.01
CA ILE A 92 -0.75 -12.00 20.93
C ILE A 92 -1.12 -11.25 19.66
N HIS A 93 -0.69 -11.81 18.52
CA HIS A 93 -1.05 -11.19 17.25
C HIS A 93 -0.96 -12.23 16.14
N SER A 94 -1.68 -11.96 15.05
CA SER A 94 -1.57 -12.74 13.84
C SER A 94 -0.41 -12.22 13.00
N ASP A 95 -0.20 -12.83 11.83
CA ASP A 95 0.88 -12.40 10.96
C ASP A 95 0.61 -11.01 10.37
N VAL A 96 -0.65 -10.73 10.03
CA VAL A 96 -0.97 -9.44 9.45
C VAL A 96 -0.89 -8.33 10.48
N ASP A 97 -1.19 -8.63 11.75
CA ASP A 97 -1.15 -7.64 12.82
C ASP A 97 0.24 -7.50 13.44
N ALA A 98 1.29 -7.89 12.73
CA ALA A 98 2.63 -7.82 13.27
C ALA A 98 3.07 -6.39 13.56
N SER A 99 2.50 -5.41 12.85
CA SER A 99 2.86 -4.00 13.04
C SER A 99 1.71 -3.19 13.64
N SER A 100 0.81 -3.84 14.37
CA SER A 100 -0.32 -3.15 14.96
C SER A 100 0.15 -2.23 16.09
N VAL A 101 -0.77 -1.39 16.56
CA VAL A 101 -0.45 -0.47 17.65
C VAL A 101 -0.25 -1.24 18.96
N HIS A 102 -1.04 -2.28 19.18
CA HIS A 102 -1.00 -2.95 20.48
C HIS A 102 0.26 -3.80 20.65
N VAL A 103 0.78 -4.38 19.56
CA VAL A 103 2.02 -5.14 19.68
C VAL A 103 3.20 -4.22 19.95
N LYS A 104 3.22 -3.05 19.30
CA LYS A 104 4.30 -2.10 19.55
C LYS A 104 4.19 -1.48 20.93
N MET A 105 2.96 -1.31 21.43
CA MET A 105 2.77 -0.73 22.75
C MET A 105 3.16 -1.69 23.86
N ALA A 106 2.94 -2.99 23.66
CA ALA A 106 3.24 -3.98 24.69
C ALA A 106 4.74 -4.21 24.79
N ASP A 107 5.14 -4.89 25.87
CA ASP A 107 6.55 -5.19 26.11
C ASP A 107 7.07 -6.32 25.24
N GLU A 108 6.26 -7.33 24.97
CA GLU A 108 6.67 -8.44 24.10
C GLU A 108 5.45 -9.00 23.40
N ALA A 109 5.66 -9.58 22.22
CA ALA A 109 4.58 -10.06 21.38
C ALA A 109 4.85 -11.48 20.94
N VAL A 110 3.76 -12.22 20.71
CA VAL A 110 3.81 -13.61 20.26
C VAL A 110 2.87 -13.76 19.08
N CYS A 111 3.38 -14.32 17.98
CA CYS A 111 2.52 -14.65 16.85
C CYS A 111 1.78 -15.95 17.15
N VAL A 112 0.49 -16.00 16.76
CA VAL A 112 -0.37 -17.12 17.10
C VAL A 112 -1.01 -17.77 15.88
N GLY A 113 -0.71 -17.31 14.67
CA GLY A 113 -1.23 -17.97 13.49
C GLY A 113 -1.49 -17.03 12.33
N PRO A 114 -2.25 -17.52 11.34
CA PRO A 114 -2.52 -16.72 10.14
C PRO A 114 -3.58 -15.65 10.36
N ALA A 115 -3.98 -14.98 9.27
CA ALA A 115 -4.92 -13.88 9.37
C ALA A 115 -6.27 -14.27 9.94
N PRO A 116 -6.93 -15.35 9.51
CA PRO A 116 -8.29 -15.63 10.00
C PRO A 116 -8.35 -15.79 11.51
N THR A 117 -9.45 -15.32 12.10
CA THR A 117 -9.62 -15.38 13.55
C THR A 117 -9.77 -16.81 14.04
N SER A 118 -10.32 -17.70 13.22
CA SER A 118 -10.50 -19.09 13.63
C SER A 118 -9.18 -19.79 13.90
N LYS A 119 -8.07 -19.26 13.37
CA LYS A 119 -6.77 -19.89 13.54
C LYS A 119 -5.77 -19.03 14.31
N SER A 120 -6.09 -17.77 14.60
CA SER A 120 -5.16 -16.89 15.30
C SER A 120 -5.66 -16.49 16.68
N TYR A 121 -6.82 -15.85 16.78
CA TYR A 121 -7.31 -15.33 18.04
C TYR A 121 -8.29 -16.27 18.74
N LEU A 122 -8.84 -17.25 18.02
CA LEU A 122 -9.65 -18.29 18.61
C LEU A 122 -8.89 -19.60 18.73
N ASN A 123 -7.59 -19.59 18.48
CA ASN A 123 -6.76 -20.79 18.53
C ASN A 123 -6.28 -20.99 19.96
N MET A 124 -6.97 -21.87 20.69
CA MET A 124 -6.67 -22.09 22.09
C MET A 124 -5.24 -22.59 22.28
N ASP A 125 -4.81 -23.52 21.43
CA ASP A 125 -3.49 -24.13 21.61
C ASP A 125 -2.37 -23.11 21.45
N ALA A 126 -2.48 -22.23 20.45
CA ALA A 126 -1.47 -21.20 20.26
C ALA A 126 -1.41 -20.25 21.46
N ILE A 127 -2.57 -19.86 21.98
CA ILE A 127 -2.60 -18.98 23.14
C ILE A 127 -1.94 -19.65 24.33
N MET A 128 -2.24 -20.93 24.55
CA MET A 128 -1.67 -21.61 25.71
C MET A 128 -0.16 -21.82 25.55
N GLU A 129 0.30 -22.10 24.33
CA GLU A 129 1.73 -22.18 24.10
C GLU A 129 2.40 -20.83 24.38
N ALA A 130 1.76 -19.73 23.97
CA ALA A 130 2.30 -18.41 24.26
C ALA A 130 2.35 -18.14 25.75
N ILE A 131 1.31 -18.54 26.48
CA ILE A 131 1.27 -18.33 27.93
C ILE A 131 2.38 -19.13 28.60
N LYS A 132 2.56 -20.39 28.20
CA LYS A 132 3.63 -21.20 28.79
C LYS A 132 5.00 -20.63 28.46
N LYS A 133 5.20 -20.18 27.22
CA LYS A 133 6.49 -19.63 26.83
C LYS A 133 6.81 -18.36 27.59
N THR A 134 5.84 -17.46 27.73
CA THR A 134 6.05 -16.19 28.39
C THR A 134 5.87 -16.26 29.90
N ARG A 135 5.32 -17.36 30.43
CA ARG A 135 5.13 -17.54 31.87
C ARG A 135 4.34 -16.38 32.48
N ALA A 136 3.30 -15.95 31.76
CA ALA A 136 2.46 -14.87 32.25
C ALA A 136 1.52 -15.38 33.33
N GLN A 137 1.37 -14.60 34.40
CA GLN A 137 0.52 -14.99 35.52
C GLN A 137 -0.96 -14.79 35.24
N ALA A 138 -1.34 -13.73 34.55
CA ALA A 138 -2.75 -13.44 34.33
C ALA A 138 -3.03 -13.31 32.84
N VAL A 139 -4.30 -13.48 32.48
CA VAL A 139 -4.75 -13.31 31.10
C VAL A 139 -6.02 -12.47 31.10
N HIS A 140 -6.07 -11.47 30.22
CA HIS A 140 -7.23 -10.61 30.06
C HIS A 140 -7.81 -10.80 28.66
N PRO A 141 -9.05 -11.28 28.53
CA PRO A 141 -9.59 -11.56 27.20
C PRO A 141 -10.24 -10.37 26.50
N GLY A 142 -10.32 -9.21 27.15
CA GLY A 142 -11.01 -8.08 26.55
C GLY A 142 -12.49 -8.39 26.42
N TYR A 143 -13.04 -8.16 25.24
CA TYR A 143 -14.41 -8.55 24.92
C TYR A 143 -14.42 -9.26 23.57
N GLY A 144 -15.39 -10.15 23.40
CA GLY A 144 -15.45 -10.95 22.20
C GLY A 144 -14.43 -12.07 22.23
N PHE A 145 -14.33 -12.77 21.10
CA PHE A 145 -13.39 -13.88 20.96
C PHE A 145 -13.58 -14.92 22.05
N LEU A 146 -12.58 -15.08 22.91
CA LEU A 146 -12.60 -16.10 23.95
C LEU A 146 -13.04 -15.55 25.31
N SER A 147 -13.61 -14.35 25.33
CA SER A 147 -13.99 -13.74 26.60
C SER A 147 -15.12 -14.48 27.30
N GLU A 148 -16.08 -15.01 26.54
CA GLU A 148 -17.23 -15.72 27.09
C GLU A 148 -17.20 -17.18 26.71
N ASN A 149 -16.01 -17.78 26.70
CA ASN A 149 -15.83 -19.17 26.32
C ASN A 149 -15.50 -20.00 27.56
N LYS A 150 -16.32 -21.00 27.84
CA LYS A 150 -16.13 -21.80 29.04
C LYS A 150 -14.95 -22.75 28.91
N GLU A 151 -14.69 -23.26 27.70
CA GLU A 151 -13.55 -24.16 27.51
C GLU A 151 -12.24 -23.45 27.80
N PHE A 152 -12.11 -22.21 27.35
CA PHE A 152 -10.89 -21.44 27.63
C PHE A 152 -10.71 -21.23 29.11
N ALA A 153 -11.79 -20.87 29.82
CA ALA A 153 -11.69 -20.65 31.26
C ALA A 153 -11.30 -21.94 31.98
N ARG A 154 -11.91 -23.06 31.60
CA ARG A 154 -11.57 -24.33 32.23
C ARG A 154 -10.12 -24.69 31.99
N CYS A 155 -9.64 -24.56 30.75
CA CYS A 155 -8.29 -24.98 30.44
C CYS A 155 -7.27 -24.05 31.08
N LEU A 156 -7.60 -22.76 31.22
CA LEU A 156 -6.75 -21.85 31.99
C LEU A 156 -6.73 -22.26 33.46
N ALA A 157 -7.88 -22.63 34.02
CA ALA A 157 -7.93 -23.08 35.40
C ALA A 157 -7.16 -24.38 35.61
N ALA A 158 -6.95 -25.16 34.55
CA ALA A 158 -6.13 -26.36 34.66
C ALA A 158 -4.72 -26.03 35.10
N GLU A 159 -4.14 -24.96 34.56
CA GLU A 159 -2.83 -24.48 34.97
C GLU A 159 -2.99 -23.51 36.14
N ASP A 160 -1.90 -22.81 36.49
CA ASP A 160 -1.90 -21.86 37.58
C ASP A 160 -2.24 -20.45 37.11
N VAL A 161 -2.46 -20.27 35.82
CA VAL A 161 -2.78 -18.96 35.26
C VAL A 161 -4.22 -18.60 35.61
N VAL A 162 -4.42 -17.35 36.00
CA VAL A 162 -5.74 -16.86 36.43
C VAL A 162 -6.42 -16.17 35.26
N PHE A 163 -7.74 -16.29 35.22
CA PHE A 163 -8.57 -15.68 34.19
C PHE A 163 -9.22 -14.42 34.76
N ILE A 164 -8.88 -13.27 34.18
CA ILE A 164 -9.43 -12.00 34.65
C ILE A 164 -10.82 -11.82 34.09
N GLY A 165 -11.83 -12.26 34.84
CA GLY A 165 -13.20 -12.19 34.42
C GLY A 165 -14.10 -13.03 35.29
N PRO A 166 -15.33 -13.27 34.84
CA PRO A 166 -16.26 -14.07 35.64
C PRO A 166 -15.86 -15.54 35.67
N ASP A 167 -16.36 -16.24 36.68
CA ASP A 167 -16.10 -17.66 36.81
C ASP A 167 -16.86 -18.43 35.72
N THR A 168 -16.51 -19.71 35.58
CA THR A 168 -17.16 -20.54 34.57
C THR A 168 -18.64 -20.69 34.84
N HIS A 169 -19.04 -20.78 36.11
CA HIS A 169 -20.45 -20.93 36.44
C HIS A 169 -21.25 -19.71 35.99
N ALA A 170 -20.73 -18.51 36.24
CA ALA A 170 -21.44 -17.30 35.84
C ALA A 170 -21.55 -17.19 34.32
N ILE A 171 -20.48 -17.54 33.61
CA ILE A 171 -20.52 -17.48 32.15
C ILE A 171 -21.52 -18.50 31.61
N GLN A 172 -21.52 -19.70 32.17
CA GLN A 172 -22.45 -20.74 31.71
C GLN A 172 -23.90 -20.35 31.98
N ALA A 173 -24.17 -19.75 33.15
CA ALA A 173 -25.53 -19.38 33.49
C ALA A 173 -26.09 -18.35 32.50
N MET A 174 -25.36 -17.27 32.28
CA MET A 174 -25.71 -16.30 31.25
C MET A 174 -25.02 -16.59 29.93
N GLY A 175 -25.21 -17.80 29.42
CA GLY A 175 -24.71 -18.16 28.11
C GLY A 175 -25.86 -18.45 27.16
N ASP A 176 -26.96 -18.95 27.71
CA ASP A 176 -28.19 -19.18 26.97
C ASP A 176 -29.30 -18.29 27.52
N LYS A 177 -30.14 -17.78 26.63
CA LYS A 177 -31.13 -16.79 27.03
C LYS A 177 -32.26 -17.40 27.85
N ILE A 178 -32.63 -18.65 27.56
CA ILE A 178 -33.74 -19.28 28.27
C ILE A 178 -33.39 -19.46 29.75
N GLU A 179 -32.22 -20.03 30.03
CA GLU A 179 -31.82 -20.23 31.41
C GLU A 179 -31.58 -18.90 32.11
N SER A 180 -31.07 -17.91 31.37
CA SER A 180 -30.90 -16.57 31.94
C SER A 180 -32.23 -15.99 32.37
N LYS A 181 -33.26 -16.11 31.52
CA LYS A 181 -34.58 -15.60 31.87
C LYS A 181 -35.15 -16.35 33.07
N LEU A 182 -35.00 -17.68 33.09
CA LEU A 182 -35.51 -18.45 34.23
C LEU A 182 -34.83 -18.03 35.53
N LEU A 183 -33.50 -17.86 35.50
CA LEU A 183 -32.79 -17.46 36.71
C LEU A 183 -33.19 -16.06 37.14
N ALA A 184 -33.35 -15.15 36.19
CA ALA A 184 -33.77 -13.79 36.52
C ALA A 184 -35.15 -13.78 37.15
N LYS A 185 -36.06 -14.60 36.62
CA LYS A 185 -37.39 -14.71 37.21
C LYS A 185 -37.30 -15.28 38.63
N LYS A 186 -36.44 -16.28 38.83
CA LYS A 186 -36.23 -16.81 40.17
C LYS A 186 -35.61 -15.77 41.10
N ALA A 187 -34.78 -14.88 40.56
CA ALA A 187 -34.10 -13.87 41.35
C ALA A 187 -34.97 -12.64 41.62
N GLU A 188 -36.26 -12.69 41.27
CA GLU A 188 -37.20 -11.58 41.48
C GLU A 188 -36.76 -10.35 40.71
N VAL A 189 -36.60 -10.53 39.39
CA VAL A 189 -36.26 -9.45 38.47
C VAL A 189 -37.30 -9.44 37.36
N ASN A 190 -37.81 -8.26 37.04
CA ASN A 190 -38.82 -8.14 35.98
C ASN A 190 -38.26 -8.66 34.67
N THR A 191 -39.05 -9.49 33.98
CA THR A 191 -38.63 -10.12 32.74
C THR A 191 -39.67 -9.88 31.66
N ILE A 192 -39.23 -9.98 30.42
CA ILE A 192 -40.14 -9.81 29.29
C ILE A 192 -41.18 -10.93 29.31
N PRO A 193 -42.47 -10.62 29.23
CA PRO A 193 -43.48 -11.68 29.20
C PRO A 193 -43.30 -12.60 28.01
N GLY A 194 -43.54 -13.89 28.22
CA GLY A 194 -43.36 -14.86 27.17
C GLY A 194 -43.51 -16.26 27.71
N PHE A 195 -43.16 -17.23 26.85
CA PHE A 195 -43.25 -18.64 27.20
C PHE A 195 -41.88 -19.19 27.52
N ASP A 196 -41.76 -19.89 28.63
CA ASP A 196 -40.50 -20.49 29.06
C ASP A 196 -40.39 -21.89 28.46
N GLY A 197 -39.40 -22.09 27.60
CA GLY A 197 -39.22 -23.36 26.94
C GLY A 197 -38.74 -23.21 25.51
N VAL A 198 -38.34 -24.32 24.89
CA VAL A 198 -37.84 -24.32 23.52
C VAL A 198 -39.00 -24.65 22.59
N VAL A 199 -39.30 -23.74 21.67
CA VAL A 199 -40.35 -23.99 20.68
C VAL A 199 -39.77 -24.84 19.56
N LYS A 200 -40.43 -25.96 19.27
CA LYS A 200 -39.94 -26.92 18.30
C LYS A 200 -40.73 -26.96 17.00
N ASP A 201 -42.01 -26.60 17.04
CA ASP A 201 -42.86 -26.62 15.84
C ASP A 201 -43.57 -25.28 15.70
N ALA A 202 -43.97 -25.00 14.45
CA ALA A 202 -44.64 -23.73 14.16
C ALA A 202 -45.98 -23.63 14.86
N GLU A 203 -46.66 -24.75 15.08
CA GLU A 203 -47.96 -24.71 15.75
C GLU A 203 -47.83 -24.21 17.18
N GLU A 204 -46.81 -24.68 17.91
CA GLU A 204 -46.57 -24.16 19.24
C GLU A 204 -46.23 -22.67 19.21
N ALA A 205 -45.47 -22.25 18.21
CA ALA A 205 -45.11 -20.85 18.08
C ALA A 205 -46.34 -19.98 17.88
N VAL A 206 -47.24 -20.40 16.98
CA VAL A 206 -48.44 -19.59 16.72
C VAL A 206 -49.36 -19.63 17.94
N ARG A 207 -49.44 -20.75 18.64
CA ARG A 207 -50.24 -20.77 19.88
C ARG A 207 -49.69 -19.79 20.89
N ILE A 208 -48.37 -19.83 21.14
CA ILE A 208 -47.77 -18.90 22.08
C ILE A 208 -48.03 -17.46 21.65
N ALA A 209 -47.97 -17.19 20.34
CA ALA A 209 -48.33 -15.87 19.84
C ALA A 209 -49.77 -15.52 20.19
N ARG A 210 -50.66 -16.50 20.13
CA ARG A 210 -52.06 -16.24 20.48
C ARG A 210 -52.21 -15.85 21.94
N GLU A 211 -51.58 -16.59 22.85
CA GLU A 211 -51.72 -16.27 24.27
C GLU A 211 -50.75 -15.20 24.77
N ILE A 212 -49.88 -14.64 23.93
CA ILE A 212 -49.05 -13.51 24.34
C ILE A 212 -49.28 -12.28 23.49
N GLY A 213 -50.20 -12.33 22.53
CA GLY A 213 -50.44 -11.18 21.68
C GLY A 213 -49.74 -11.30 20.34
N TYR A 214 -50.34 -10.71 19.32
CA TYR A 214 -49.80 -10.82 17.97
C TYR A 214 -48.39 -10.25 17.82
N PRO A 215 -48.06 -9.05 18.37
CA PRO A 215 -46.66 -8.61 18.33
C PRO A 215 -45.75 -9.61 19.03
N VAL A 216 -44.86 -10.26 18.27
CA VAL A 216 -44.06 -11.37 18.76
C VAL A 216 -42.62 -11.15 18.36
N MET A 217 -41.71 -11.38 19.30
CA MET A 217 -40.28 -11.33 19.07
C MET A 217 -39.78 -12.76 19.02
N ILE A 218 -39.23 -13.17 17.87
CA ILE A 218 -38.65 -14.50 17.72
C ILE A 218 -37.13 -14.36 17.80
N LYS A 219 -36.51 -15.16 18.68
CA LYS A 219 -35.11 -15.00 19.00
C LYS A 219 -34.40 -16.35 18.98
N ALA A 220 -33.11 -16.32 18.71
CA ALA A 220 -32.29 -17.52 18.74
C ALA A 220 -31.51 -17.59 20.04
N SER A 221 -31.46 -18.78 20.62
CA SER A 221 -30.71 -18.97 21.86
C SER A 221 -29.22 -18.73 21.61
N ALA A 222 -28.55 -18.28 22.67
CA ALA A 222 -27.15 -17.84 22.61
C ALA A 222 -27.05 -16.63 21.68
N GLY A 223 -27.21 -16.86 20.38
CA GLY A 223 -27.24 -15.74 19.44
C GLY A 223 -25.98 -14.92 19.49
N GLY A 224 -26.15 -13.61 19.56
CA GLY A 224 -25.03 -12.70 19.60
C GLY A 224 -24.82 -12.00 18.26
N GLY A 225 -24.33 -10.77 18.34
CA GLY A 225 -24.09 -9.97 17.15
C GLY A 225 -25.33 -9.39 16.50
N GLY A 226 -26.47 -9.43 17.17
CA GLY A 226 -27.71 -8.93 16.58
C GLY A 226 -28.18 -9.73 15.39
N LYS A 227 -28.09 -11.05 15.45
CA LYS A 227 -28.49 -11.92 14.35
C LYS A 227 -29.44 -12.99 14.86
N GLY A 228 -30.28 -13.49 13.95
CA GLY A 228 -31.24 -14.51 14.30
C GLY A 228 -32.43 -14.01 15.09
N MET A 229 -32.72 -12.72 15.04
CA MET A 229 -33.84 -12.12 15.76
C MET A 229 -34.77 -11.43 14.77
N ARG A 230 -36.06 -11.73 14.87
CA ARG A 230 -37.02 -11.19 13.92
C ARG A 230 -38.35 -10.88 14.60
N ILE A 231 -39.23 -10.26 13.83
CA ILE A 231 -40.53 -9.77 14.29
C ILE A 231 -41.61 -10.60 13.62
N ALA A 232 -42.70 -10.83 14.34
CA ALA A 232 -43.87 -11.52 13.79
C ALA A 232 -45.12 -10.79 14.22
N TRP A 233 -45.99 -10.50 13.25
CA TRP A 233 -47.29 -9.87 13.53
C TRP A 233 -48.47 -10.78 13.24
N ASP A 234 -48.29 -11.83 12.44
CA ASP A 234 -49.37 -12.71 12.05
C ASP A 234 -48.97 -14.16 12.26
N ASP A 235 -49.97 -15.04 12.26
CA ASP A 235 -49.72 -16.47 12.43
C ASP A 235 -48.87 -17.02 11.29
N GLU A 236 -49.19 -16.63 10.05
CA GLU A 236 -48.36 -17.02 8.92
C GLU A 236 -46.97 -16.44 9.05
N GLU A 237 -46.88 -15.17 9.45
CA GLU A 237 -45.57 -14.58 9.75
C GLU A 237 -44.87 -15.35 10.85
N THR A 238 -45.61 -15.71 11.90
CA THR A 238 -45.01 -16.48 13.00
C THR A 238 -44.39 -17.76 12.48
N ARG A 239 -45.14 -18.54 11.70
CA ARG A 239 -44.65 -19.86 11.29
C ARG A 239 -43.52 -19.76 10.29
N ASP A 240 -43.63 -18.87 9.29
CA ASP A 240 -42.57 -18.80 8.29
C ASP A 240 -41.30 -18.19 8.89
N GLY A 241 -41.45 -17.21 9.77
CA GLY A 241 -40.30 -16.70 10.49
C GLY A 241 -39.65 -17.75 11.37
N PHE A 242 -40.47 -18.59 12.03
CA PHE A 242 -39.92 -19.67 12.84
C PHE A 242 -39.10 -20.63 11.98
N ARG A 243 -39.63 -21.03 10.83
CA ARG A 243 -38.92 -21.97 9.97
C ARG A 243 -37.62 -21.36 9.46
N LEU A 244 -37.68 -20.14 8.93
CA LEU A 244 -36.48 -19.52 8.39
C LEU A 244 -35.47 -19.18 9.47
N SER A 245 -35.93 -18.90 10.70
CA SER A 245 -35.02 -18.64 11.79
C SER A 245 -34.33 -19.92 12.26
N SER A 246 -35.05 -21.04 12.26
CA SER A 246 -34.41 -22.31 12.52
C SER A 246 -33.34 -22.60 11.47
N GLN A 247 -33.67 -22.34 10.20
CA GLN A 247 -32.69 -22.56 9.14
C GLN A 247 -31.46 -21.67 9.32
N GLU A 248 -31.67 -20.40 9.66
CA GLU A 248 -30.56 -19.47 9.84
C GLU A 248 -29.71 -19.85 11.04
N ALA A 249 -30.36 -20.26 12.14
CA ALA A 249 -29.60 -20.68 13.32
C ALA A 249 -28.77 -21.92 13.02
N ALA A 250 -29.32 -22.86 12.24
CA ALA A 250 -28.53 -23.99 11.80
C ALA A 250 -27.35 -23.55 10.95
N SER A 251 -27.59 -22.57 10.06
CA SER A 251 -26.51 -22.06 9.22
C SER A 251 -25.47 -21.31 10.03
N SER A 252 -25.91 -20.53 11.01
CA SER A 252 -25.01 -19.63 11.75
C SER A 252 -24.40 -20.31 12.97
N PHE A 253 -25.24 -20.75 13.90
CA PHE A 253 -24.78 -21.30 15.17
C PHE A 253 -25.01 -22.80 15.30
N GLY A 254 -26.13 -23.31 14.79
CA GLY A 254 -26.46 -24.71 14.92
C GLY A 254 -27.20 -25.08 16.19
N ASP A 255 -27.37 -24.13 17.12
CA ASP A 255 -28.11 -24.43 18.34
C ASP A 255 -29.58 -24.74 18.03
N ASP A 256 -30.20 -23.96 17.14
CA ASP A 256 -31.55 -24.19 16.62
C ASP A 256 -32.62 -24.12 17.70
N ARG A 257 -32.30 -23.65 18.89
CA ARG A 257 -33.28 -23.47 19.96
C ARG A 257 -33.83 -22.06 19.86
N LEU A 258 -35.10 -21.93 19.51
CA LEU A 258 -35.73 -20.62 19.32
C LEU A 258 -36.65 -20.31 20.48
N LEU A 259 -36.79 -19.01 20.76
CA LEU A 259 -37.58 -18.51 21.87
C LEU A 259 -38.58 -17.48 21.35
N ILE A 260 -39.78 -17.50 21.94
CA ILE A 260 -40.86 -16.60 21.58
C ILE A 260 -41.13 -15.70 22.78
N GLU A 261 -41.16 -14.39 22.54
CA GLU A 261 -41.45 -13.46 23.63
C GLU A 261 -42.30 -12.31 23.11
N LYS A 262 -42.75 -11.46 24.04
CA LYS A 262 -43.52 -10.30 23.67
C LYS A 262 -42.60 -9.18 23.19
N PHE A 263 -42.95 -8.58 22.06
CA PHE A 263 -42.19 -7.47 21.51
C PHE A 263 -42.58 -6.17 22.19
N ILE A 264 -41.59 -5.46 22.73
CA ILE A 264 -41.85 -4.17 23.36
C ILE A 264 -41.90 -3.10 22.28
N ASP A 265 -42.93 -2.27 22.31
CA ASP A 265 -43.11 -1.20 21.33
C ASP A 265 -42.38 0.05 21.82
N ASN A 266 -41.58 0.64 20.93
CA ASN A 266 -40.77 1.81 21.24
C ASN A 266 -39.93 1.61 22.49
N PRO A 267 -39.03 0.64 22.50
CA PRO A 267 -38.24 0.37 23.71
C PRO A 267 -37.01 1.26 23.80
N ARG A 268 -36.48 1.34 25.01
CA ARG A 268 -35.24 2.05 25.29
C ARG A 268 -34.24 1.07 25.90
N HIS A 269 -33.05 1.00 25.30
CA HIS A 269 -31.99 0.09 25.74
C HIS A 269 -31.20 0.78 26.84
N ILE A 270 -31.39 0.35 28.08
CA ILE A 270 -30.73 0.95 29.23
C ILE A 270 -29.88 -0.12 29.91
N GLU A 271 -28.59 0.15 30.06
CA GLU A 271 -27.66 -0.79 30.67
C GLU A 271 -27.29 -0.32 32.07
N ILE A 272 -27.09 -1.29 32.97
CA ILE A 272 -26.58 -1.04 34.31
C ILE A 272 -25.24 -1.74 34.41
N GLN A 273 -24.20 -0.98 34.74
CA GLN A 273 -22.85 -1.51 34.87
C GLN A 273 -22.65 -2.01 36.29
N VAL A 274 -22.48 -3.31 36.45
CA VAL A 274 -22.28 -3.93 37.76
C VAL A 274 -20.83 -4.35 37.90
N LEU A 275 -20.35 -4.35 39.13
CA LEU A 275 -18.99 -4.74 39.46
C LEU A 275 -19.02 -5.53 40.76
N GLY A 276 -18.45 -6.74 40.73
CA GLY A 276 -18.46 -7.59 41.90
C GLY A 276 -17.08 -8.14 42.18
N ASP A 277 -16.91 -8.58 43.43
CA ASP A 277 -15.67 -9.22 43.87
C ASP A 277 -15.98 -10.59 44.44
N LYS A 278 -14.94 -11.40 44.59
CA LYS A 278 -15.11 -12.76 45.06
C LYS A 278 -15.58 -12.83 46.52
N HIS A 279 -15.44 -11.72 47.27
CA HIS A 279 -15.88 -11.72 48.66
C HIS A 279 -17.40 -11.65 48.77
N GLY A 280 -18.06 -10.96 47.85
CA GLY A 280 -19.51 -10.90 47.87
C GLY A 280 -20.10 -9.50 47.81
N ASN A 281 -19.27 -8.52 47.45
CA ASN A 281 -19.72 -7.13 47.35
C ASN A 281 -20.06 -6.81 45.90
N ALA A 282 -21.26 -6.26 45.69
CA ALA A 282 -21.72 -5.89 44.36
C ALA A 282 -22.07 -4.42 44.32
N LEU A 283 -21.66 -3.75 43.24
CA LEU A 283 -21.92 -2.33 43.05
C LEU A 283 -22.52 -2.11 41.67
N TRP A 284 -23.38 -1.10 41.57
CA TRP A 284 -23.93 -0.68 40.28
C TRP A 284 -23.42 0.72 39.98
N LEU A 285 -22.75 0.87 38.84
CA LEU A 285 -22.08 2.12 38.48
C LEU A 285 -22.95 2.92 37.53
N ASN A 286 -24.07 3.42 38.07
CA ASN A 286 -25.03 4.24 37.34
C ASN A 286 -25.55 3.43 36.15
N GLU A 287 -25.96 4.12 35.07
CA GLU A 287 -26.54 3.47 33.91
C GLU A 287 -25.92 4.04 32.64
N ARG A 288 -26.37 3.51 31.50
CA ARG A 288 -26.02 4.02 30.18
C ARG A 288 -27.22 3.81 29.26
N GLU A 289 -27.29 4.62 28.22
CA GLU A 289 -28.33 4.50 27.20
C GLU A 289 -27.69 4.23 25.85
N CYS A 290 -28.19 3.22 25.15
CA CYS A 290 -27.64 2.76 23.88
C CYS A 290 -28.76 2.54 22.88
N SER A 291 -29.67 3.51 22.76
CA SER A 291 -30.85 3.32 21.93
C SER A 291 -30.53 3.42 20.45
N ILE A 292 -29.62 4.30 20.06
CA ILE A 292 -29.32 4.54 18.65
C ILE A 292 -28.62 3.31 18.09
N GLN A 293 -29.33 2.53 17.28
CA GLN A 293 -28.79 1.29 16.75
C GLN A 293 -29.20 1.12 15.29
N ARG A 294 -28.35 0.41 14.55
CA ARG A 294 -28.71 -0.14 13.24
C ARG A 294 -28.23 -1.58 13.18
N ARG A 295 -29.01 -2.44 12.55
CA ARG A 295 -28.76 -3.88 12.53
C ARG A 295 -28.65 -4.44 13.95
N ASN A 296 -29.42 -3.84 14.87
CA ASN A 296 -29.41 -4.23 16.28
C ASN A 296 -28.02 -4.11 16.90
N GLN A 297 -27.27 -3.10 16.46
CA GLN A 297 -25.94 -2.82 16.99
C GLN A 297 -25.80 -1.33 17.28
N LYS A 298 -25.24 -1.02 18.45
CA LYS A 298 -25.16 0.35 18.91
C LYS A 298 -24.11 1.14 18.12
N VAL A 299 -24.37 2.44 17.95
CA VAL A 299 -23.39 3.34 17.33
C VAL A 299 -23.15 4.56 18.22
N VAL A 300 -24.13 4.92 19.03
CA VAL A 300 -24.05 6.10 19.90
C VAL A 300 -24.52 5.71 21.29
N GLU A 301 -23.76 6.10 22.31
CA GLU A 301 -24.07 5.79 23.69
C GLU A 301 -23.99 7.06 24.54
N GLU A 302 -24.81 7.09 25.59
CA GLU A 302 -24.94 8.27 26.44
C GLU A 302 -24.69 7.89 27.89
N ALA A 303 -24.06 8.80 28.65
CA ALA A 303 -23.60 8.41 29.99
C ALA A 303 -24.77 8.23 30.96
N PRO A 304 -25.52 9.27 31.40
CA PRO A 304 -26.77 8.97 32.09
C PRO A 304 -27.93 8.98 31.11
N SER A 305 -28.97 8.20 31.40
CA SER A 305 -30.16 8.21 30.57
C SER A 305 -31.01 9.41 30.94
N ILE A 306 -31.19 10.34 29.99
CA ILE A 306 -32.04 11.50 30.23
C ILE A 306 -33.48 11.06 30.47
N PHE A 307 -33.86 9.88 29.98
CA PHE A 307 -35.21 9.37 30.21
C PHE A 307 -35.45 8.99 31.66
N LEU A 308 -34.38 8.76 32.43
CA LEU A 308 -34.52 8.22 33.78
C LEU A 308 -34.43 9.31 34.84
N ASP A 309 -34.95 8.97 36.01
CA ASP A 309 -34.83 9.78 37.23
C ASP A 309 -34.12 8.96 38.31
N ALA A 310 -34.02 9.55 39.50
CA ALA A 310 -33.25 8.91 40.56
C ALA A 310 -33.89 7.61 41.03
N GLU A 311 -35.22 7.61 41.20
CA GLU A 311 -35.88 6.44 41.78
C GLU A 311 -35.79 5.23 40.85
N THR A 312 -36.07 5.43 39.56
CA THR A 312 -35.98 4.32 38.61
C THR A 312 -34.56 3.82 38.48
N ARG A 313 -33.58 4.74 38.48
CA ARG A 313 -32.18 4.34 38.43
C ARG A 313 -31.80 3.48 39.62
N ARG A 314 -32.23 3.89 40.82
CA ARG A 314 -31.94 3.11 42.01
C ARG A 314 -32.60 1.74 41.95
N ALA A 315 -33.85 1.69 41.49
CA ALA A 315 -34.55 0.41 41.41
C ALA A 315 -33.85 -0.55 40.45
N MET A 316 -33.47 -0.05 39.26
CA MET A 316 -32.80 -0.91 38.29
C MET A 316 -31.42 -1.33 38.79
N GLY A 317 -30.69 -0.43 39.45
CA GLY A 317 -29.40 -0.80 40.00
C GLY A 317 -29.52 -1.87 41.06
N GLU A 318 -30.51 -1.73 41.95
CA GLU A 318 -30.72 -2.75 42.98
C GLU A 318 -31.09 -4.09 42.36
N GLN A 319 -31.94 -4.08 41.33
CA GLN A 319 -32.31 -5.34 40.68
C GLN A 319 -31.11 -5.98 40.01
N ALA A 320 -30.26 -5.19 39.35
CA ALA A 320 -29.07 -5.74 38.72
C ALA A 320 -28.11 -6.30 39.76
N VAL A 321 -27.95 -5.60 40.89
CA VAL A 321 -27.09 -6.10 41.96
C VAL A 321 -27.64 -7.42 42.51
N ALA A 322 -28.97 -7.51 42.65
CA ALA A 322 -29.58 -8.75 43.12
C ALA A 322 -29.31 -9.89 42.15
N LEU A 323 -29.42 -9.63 40.84
CA LEU A 323 -29.11 -10.67 39.86
C LEU A 323 -27.65 -11.09 39.94
N ALA A 324 -26.74 -10.12 40.07
CA ALA A 324 -25.32 -10.44 40.15
C ALA A 324 -25.02 -11.29 41.39
N ARG A 325 -25.63 -10.96 42.52
CA ARG A 325 -25.47 -11.79 43.72
C ARG A 325 -26.07 -13.17 43.51
N ALA A 326 -27.18 -13.26 42.77
CA ALA A 326 -27.79 -14.56 42.51
C ALA A 326 -26.85 -15.45 41.71
N VAL A 327 -26.16 -14.89 40.71
CA VAL A 327 -25.25 -15.69 39.90
C VAL A 327 -23.84 -15.67 40.50
N LYS A 328 -23.69 -15.01 41.65
CA LYS A 328 -22.39 -14.90 42.32
C LYS A 328 -21.34 -14.30 41.38
N TYR A 329 -21.73 -13.26 40.65
CA TYR A 329 -20.81 -12.59 39.74
C TYR A 329 -19.69 -11.93 40.52
N SER A 330 -18.47 -12.05 40.00
CA SER A 330 -17.28 -11.56 40.71
C SER A 330 -16.32 -10.86 39.75
N SER A 331 -16.86 -10.00 38.90
CA SER A 331 -16.06 -9.22 37.97
C SER A 331 -16.91 -8.05 37.46
N ALA A 332 -16.44 -7.40 36.40
CA ALA A 332 -17.23 -6.38 35.73
C ALA A 332 -18.22 -7.01 34.76
N GLY A 333 -19.42 -6.46 34.71
CA GLY A 333 -20.45 -6.95 33.82
C GLY A 333 -21.52 -5.90 33.62
N THR A 334 -22.46 -6.20 32.74
CA THR A 334 -23.56 -5.28 32.47
C THR A 334 -24.87 -6.06 32.39
N VAL A 335 -25.94 -5.43 32.88
CA VAL A 335 -27.29 -5.97 32.78
C VAL A 335 -28.12 -5.02 31.94
N GLU A 336 -28.70 -5.52 30.86
CA GLU A 336 -29.42 -4.69 29.91
C GLU A 336 -30.92 -4.82 30.11
N PHE A 337 -31.63 -3.70 29.95
CA PHE A 337 -33.07 -3.64 30.15
C PHE A 337 -33.72 -2.90 28.99
N LEU A 338 -34.98 -3.22 28.75
CA LEU A 338 -35.81 -2.55 27.75
C LEU A 338 -36.89 -1.78 28.50
N VAL A 339 -36.71 -0.46 28.59
CA VAL A 339 -37.65 0.40 29.31
C VAL A 339 -38.63 0.99 28.31
N ASP A 340 -39.93 0.85 28.60
CA ASP A 340 -40.97 1.37 27.71
C ASP A 340 -41.21 2.84 28.02
N SER A 341 -42.29 3.39 27.45
CA SER A 341 -42.59 4.81 27.67
C SER A 341 -43.04 5.07 29.10
N LYS A 342 -43.71 4.11 29.72
CA LYS A 342 -44.25 4.27 31.06
C LYS A 342 -43.25 3.93 32.16
N LYS A 343 -41.95 3.96 31.85
CA LYS A 343 -40.89 3.70 32.82
C LYS A 343 -41.04 2.33 33.47
N ASN A 344 -41.39 1.33 32.67
CA ASN A 344 -41.42 -0.07 33.10
C ASN A 344 -40.30 -0.80 32.38
N PHE A 345 -39.42 -1.43 33.16
CA PHE A 345 -38.23 -2.08 32.62
C PHE A 345 -38.33 -3.59 32.77
N TYR A 346 -37.76 -4.30 31.81
CA TYR A 346 -37.71 -5.75 31.82
C TYR A 346 -36.29 -6.20 31.54
N PHE A 347 -35.88 -7.29 32.19
CA PHE A 347 -34.53 -7.81 32.01
C PHE A 347 -34.34 -8.33 30.59
N LEU A 348 -33.14 -8.09 30.05
CA LEU A 348 -32.80 -8.56 28.70
C LEU A 348 -31.29 -8.77 28.65
N GLU A 349 -30.86 -10.03 28.80
CA GLU A 349 -29.47 -10.43 28.62
C GLU A 349 -28.56 -9.86 29.71
N MET A 350 -27.48 -10.59 30.02
CA MET A 350 -26.43 -10.10 30.91
C MET A 350 -25.10 -10.43 30.25
N ASN A 351 -24.30 -9.40 29.96
CA ASN A 351 -22.99 -9.61 29.35
C ASN A 351 -21.97 -9.90 30.44
N THR A 352 -21.43 -11.11 30.44
CA THR A 352 -20.44 -11.52 31.43
C THR A 352 -19.03 -11.25 30.92
N ARG A 353 -18.77 -9.98 30.62
CA ARG A 353 -17.48 -9.54 30.11
C ARG A 353 -17.46 -8.02 30.20
N LEU A 354 -16.31 -7.44 29.86
CA LEU A 354 -16.21 -6.00 29.78
C LEU A 354 -17.05 -5.50 28.61
N GLN A 355 -17.71 -4.37 28.81
CA GLN A 355 -18.59 -3.80 27.80
C GLN A 355 -17.80 -2.92 26.85
N VAL A 356 -18.22 -2.90 25.58
CA VAL A 356 -17.55 -2.09 24.58
C VAL A 356 -17.66 -0.61 24.91
N GLU A 357 -18.86 -0.18 25.34
CA GLU A 357 -19.12 1.22 25.67
C GLU A 357 -18.84 1.53 27.14
N HIS A 358 -17.94 0.79 27.77
CA HIS A 358 -17.60 0.99 29.17
C HIS A 358 -16.89 2.32 29.47
N PRO A 359 -16.07 2.90 28.59
CA PRO A 359 -15.39 4.14 28.99
C PRO A 359 -16.33 5.27 29.35
N VAL A 360 -17.55 5.26 28.81
CA VAL A 360 -18.49 6.35 29.04
C VAL A 360 -18.77 6.50 30.54
N THR A 361 -19.13 5.40 31.20
CA THR A 361 -19.34 5.46 32.63
C THR A 361 -18.05 5.81 33.38
N GLU A 362 -16.90 5.43 32.82
CA GLU A 362 -15.63 5.82 33.42
C GLU A 362 -15.48 7.33 33.46
N CYS A 363 -16.14 8.02 32.53
CA CYS A 363 -16.07 9.49 32.53
C CYS A 363 -16.95 10.10 33.60
N ILE A 364 -18.00 9.40 34.06
CA ILE A 364 -18.92 9.96 35.03
C ILE A 364 -18.77 9.36 36.41
N THR A 365 -17.96 8.31 36.57
CA THR A 365 -17.67 7.75 37.88
C THR A 365 -16.25 8.00 38.34
N GLY A 366 -15.34 8.35 37.44
CA GLY A 366 -13.96 8.58 37.80
C GLY A 366 -13.16 7.32 38.05
N LEU A 367 -13.72 6.15 37.76
CA LEU A 367 -13.07 4.88 38.01
C LEU A 367 -12.39 4.36 36.75
N ASP A 368 -11.50 3.38 36.94
CA ASP A 368 -10.85 2.67 35.85
C ASP A 368 -11.30 1.22 35.94
N LEU A 369 -12.19 0.82 35.03
CA LEU A 369 -12.82 -0.50 35.15
C LEU A 369 -11.82 -1.62 35.00
N VAL A 370 -10.86 -1.48 34.09
CA VAL A 370 -9.87 -2.53 33.88
C VAL A 370 -9.02 -2.74 35.14
N GLN A 371 -8.64 -1.64 35.79
CA GLN A 371 -7.89 -1.75 37.04
C GLN A 371 -8.70 -2.47 38.12
N GLU A 372 -9.99 -2.16 38.20
CA GLU A 372 -10.84 -2.83 39.19
C GLU A 372 -10.96 -4.32 38.87
N MET A 373 -11.08 -4.67 37.59
CA MET A 373 -11.13 -6.08 37.21
C MET A 373 -9.85 -6.79 37.61
N ILE A 374 -8.71 -6.16 37.38
CA ILE A 374 -7.42 -6.77 37.73
C ILE A 374 -7.33 -6.97 39.24
N ARG A 375 -7.69 -5.94 40.01
CA ARG A 375 -7.61 -6.04 41.46
C ARG A 375 -8.56 -7.11 42.00
N VAL A 376 -9.77 -7.19 41.46
CA VAL A 376 -10.73 -8.20 41.89
C VAL A 376 -10.22 -9.59 41.55
N ALA A 377 -9.66 -9.76 40.34
CA ALA A 377 -9.10 -11.05 39.97
C ALA A 377 -7.94 -11.44 40.88
N LYS A 378 -7.18 -10.46 41.36
CA LYS A 378 -6.12 -10.77 42.33
C LYS A 378 -6.71 -11.33 43.62
N GLY A 379 -7.82 -10.75 44.09
CA GLY A 379 -8.48 -11.24 45.28
C GLY A 379 -8.80 -10.14 46.28
N TYR A 380 -8.38 -8.91 45.98
CA TYR A 380 -8.61 -7.80 46.88
C TYR A 380 -10.09 -7.42 46.90
N PRO A 381 -10.57 -6.90 48.03
CA PRO A 381 -11.96 -6.44 48.09
C PRO A 381 -12.13 -5.10 47.37
N LEU A 382 -13.40 -4.77 47.11
CA LEU A 382 -13.72 -3.49 46.50
C LEU A 382 -13.41 -2.35 47.45
N ARG A 383 -12.80 -1.30 46.92
CA ARG A 383 -12.40 -0.15 47.71
C ARG A 383 -13.40 1.01 47.63
N HIS A 384 -14.57 0.77 47.06
CA HIS A 384 -15.62 1.76 46.97
C HIS A 384 -16.92 1.19 47.55
N LYS A 385 -17.74 2.07 48.11
CA LYS A 385 -19.06 1.71 48.60
C LYS A 385 -20.13 2.32 47.72
N GLN A 386 -21.37 1.87 47.90
CA GLN A 386 -22.46 2.34 47.05
C GLN A 386 -22.67 3.85 47.18
N ALA A 387 -22.38 4.41 48.35
CA ALA A 387 -22.50 5.86 48.52
C ALA A 387 -21.43 6.61 47.76
N ASP A 388 -20.25 6.01 47.59
CA ASP A 388 -19.16 6.70 46.90
C ASP A 388 -19.45 6.87 45.41
N ILE A 389 -20.22 5.97 44.82
CA ILE A 389 -20.53 6.06 43.40
C ILE A 389 -21.45 7.25 43.17
N ARG A 390 -21.03 8.17 42.31
CA ARG A 390 -21.79 9.38 42.04
C ARG A 390 -21.65 9.76 40.57
N ILE A 391 -22.62 10.51 40.07
CA ILE A 391 -22.62 10.97 38.69
C ILE A 391 -21.93 12.32 38.63
N ASN A 392 -20.96 12.46 37.72
CA ASN A 392 -20.16 13.67 37.58
C ASN A 392 -20.20 14.10 36.12
N GLY A 393 -21.09 15.03 35.80
CA GLY A 393 -21.14 15.58 34.46
C GLY A 393 -21.97 14.77 33.48
N TRP A 394 -21.53 14.72 32.23
CA TRP A 394 -22.23 13.98 31.19
C TRP A 394 -21.18 13.48 30.21
N ALA A 395 -21.49 12.39 29.52
CA ALA A 395 -20.55 11.85 28.54
C ALA A 395 -21.30 11.18 27.39
N VAL A 396 -20.70 11.25 26.21
CA VAL A 396 -21.28 10.70 24.98
C VAL A 396 -20.18 9.98 24.21
N GLU A 397 -20.50 8.82 23.65
CA GLU A 397 -19.57 8.05 22.84
C GLU A 397 -20.17 7.77 21.47
N CYS A 398 -19.34 7.92 20.44
CA CYS A 398 -19.67 7.55 19.07
C CYS A 398 -18.69 6.50 18.59
N ARG A 399 -19.19 5.50 17.88
CA ARG A 399 -18.35 4.47 17.28
C ARG A 399 -18.07 4.86 15.83
N VAL A 400 -16.82 5.23 15.55
CA VAL A 400 -16.40 5.53 14.19
C VAL A 400 -16.04 4.20 13.52
N TYR A 401 -16.85 3.80 12.55
CA TYR A 401 -16.70 2.55 11.82
C TYR A 401 -16.19 2.82 10.41
N ALA A 402 -15.54 1.82 9.83
CA ALA A 402 -15.10 1.90 8.44
C ALA A 402 -16.21 1.29 7.56
N GLU A 403 -17.28 2.05 7.38
CA GLU A 403 -18.43 1.58 6.62
C GLU A 403 -19.10 2.76 5.95
N ASP A 404 -19.86 2.46 4.89
CA ASP A 404 -20.55 3.48 4.13
C ASP A 404 -21.93 3.70 4.70
N PRO A 405 -22.23 4.88 5.28
CA PRO A 405 -23.54 5.08 5.90
C PRO A 405 -24.68 5.24 4.90
N TYR A 406 -24.39 5.40 3.61
CA TYR A 406 -25.42 5.57 2.61
C TYR A 406 -26.01 4.25 2.14
N LYS A 407 -25.48 3.12 2.59
CA LYS A 407 -25.93 1.80 2.17
C LYS A 407 -26.40 1.04 3.40
N SER A 408 -27.72 1.02 3.62
CA SER A 408 -28.34 0.29 4.73
C SER A 408 -27.75 0.72 6.07
N PHE A 409 -27.56 2.03 6.24
CA PHE A 409 -27.05 2.63 7.47
C PHE A 409 -25.66 2.13 7.83
N GLY A 410 -24.92 1.61 6.86
CA GLY A 410 -23.59 1.09 7.10
C GLY A 410 -23.31 -0.20 6.37
N LEU A 411 -22.24 -0.20 5.58
CA LEU A 411 -21.81 -1.37 4.84
C LEU A 411 -20.30 -1.50 4.96
N PRO A 412 -19.80 -2.63 5.49
CA PRO A 412 -18.37 -2.73 5.78
C PRO A 412 -17.51 -2.48 4.55
N SER A 413 -16.45 -1.69 4.74
CA SER A 413 -15.55 -1.30 3.68
C SER A 413 -14.14 -1.75 4.01
N ILE A 414 -13.29 -1.77 2.99
CA ILE A 414 -11.90 -2.17 3.14
C ILE A 414 -11.02 -1.08 2.52
N GLY A 415 -9.77 -1.08 2.92
CA GLY A 415 -8.81 -0.12 2.39
C GLY A 415 -7.69 0.12 3.39
N ARG A 416 -6.79 1.01 3.00
CA ARG A 416 -5.64 1.38 3.81
C ARG A 416 -5.72 2.87 4.12
N LEU A 417 -5.54 3.22 5.38
CA LEU A 417 -5.68 4.61 5.81
C LEU A 417 -4.43 5.38 5.42
N SER A 418 -4.54 6.22 4.40
CA SER A 418 -3.42 7.07 3.99
C SER A 418 -3.24 8.27 4.92
N GLN A 419 -4.27 8.66 5.67
CA GLN A 419 -4.15 9.76 6.60
C GLN A 419 -5.05 9.50 7.80
N TYR A 420 -4.52 9.75 8.99
CA TYR A 420 -5.28 9.51 10.22
C TYR A 420 -4.82 10.48 11.29
N GLN A 421 -5.70 11.40 11.67
CA GLN A 421 -5.43 12.34 12.76
C GLN A 421 -6.65 12.45 13.64
N GLU A 422 -6.44 12.34 14.95
CA GLU A 422 -7.45 12.40 15.99
C GLU A 422 -7.50 13.78 16.62
N PRO A 423 -8.68 14.23 17.09
CA PRO A 423 -8.79 15.55 17.73
C PRO A 423 -8.47 15.51 19.21
N LEU A 424 -7.25 15.07 19.53
CA LEU A 424 -6.86 14.90 20.92
C LEU A 424 -6.66 16.23 21.64
N HIS A 425 -6.36 17.30 20.92
CA HIS A 425 -6.12 18.60 21.53
C HIS A 425 -7.42 19.34 21.87
N LEU A 426 -8.55 18.89 21.35
CA LEU A 426 -9.81 19.55 21.65
C LEU A 426 -10.22 19.31 23.10
N PRO A 427 -11.00 20.21 23.70
CA PRO A 427 -11.36 20.06 25.11
C PRO A 427 -12.32 18.89 25.33
N GLY A 428 -12.06 18.15 26.41
CA GLY A 428 -12.95 17.07 26.83
C GLY A 428 -13.12 15.97 25.81
N VAL A 429 -12.02 15.52 25.20
CA VAL A 429 -12.06 14.50 24.16
C VAL A 429 -11.14 13.35 24.56
N ARG A 430 -11.66 12.13 24.47
CA ARG A 430 -10.89 10.92 24.67
C ARG A 430 -11.11 9.99 23.48
N VAL A 431 -10.06 9.36 23.00
CA VAL A 431 -10.12 8.49 21.83
C VAL A 431 -9.56 7.12 22.21
N ASP A 432 -10.32 6.07 21.92
CA ASP A 432 -9.86 4.70 22.08
C ASP A 432 -9.81 4.07 20.69
N SER A 433 -8.60 3.89 20.17
CA SER A 433 -8.44 3.35 18.82
C SER A 433 -7.21 2.46 18.78
N GLY A 434 -7.26 1.45 17.92
CA GLY A 434 -6.12 0.61 17.64
C GLY A 434 -5.59 0.89 16.24
N ILE A 435 -5.95 2.05 15.70
CA ILE A 435 -5.65 2.41 14.33
C ILE A 435 -4.60 3.51 14.32
N GLN A 436 -3.62 3.37 13.43
CA GLN A 436 -2.57 4.34 13.19
C GLN A 436 -2.48 4.59 11.70
N PRO A 437 -1.85 5.69 11.29
CA PRO A 437 -1.67 5.91 9.85
C PRO A 437 -0.95 4.75 9.19
N GLY A 438 -1.46 4.33 8.03
CA GLY A 438 -0.95 3.18 7.34
C GLY A 438 -1.63 1.87 7.66
N SER A 439 -2.50 1.85 8.68
CA SER A 439 -3.25 0.64 8.99
C SER A 439 -4.23 0.33 7.88
N ASP A 440 -4.54 -0.96 7.74
CA ASP A 440 -5.48 -1.41 6.72
C ASP A 440 -6.70 -2.06 7.37
N ILE A 441 -7.81 -2.01 6.67
CA ILE A 441 -9.05 -2.64 7.10
C ILE A 441 -9.26 -3.89 6.26
N SER A 442 -9.21 -5.04 6.90
CA SER A 442 -9.30 -6.32 6.21
C SER A 442 -10.71 -6.89 6.34
N ILE A 443 -10.93 -8.05 5.70
CA ILE A 443 -12.21 -8.74 5.77
C ILE A 443 -12.28 -9.71 6.93
N TYR A 444 -11.23 -9.80 7.75
CA TYR A 444 -11.19 -10.80 8.80
C TYR A 444 -11.76 -10.30 10.13
N TYR A 445 -11.50 -9.04 10.47
CA TYR A 445 -11.82 -8.52 11.79
C TYR A 445 -12.92 -7.48 11.70
N ASP A 446 -13.33 -6.98 12.87
CA ASP A 446 -14.36 -5.97 12.93
C ASP A 446 -13.89 -4.68 12.27
N PRO A 447 -14.74 -3.99 11.51
CA PRO A 447 -14.30 -2.81 10.78
C PRO A 447 -14.29 -1.53 11.60
N MET A 448 -14.38 -1.65 12.92
CA MET A 448 -14.45 -0.46 13.77
C MET A 448 -13.12 0.28 13.74
N ILE A 449 -13.18 1.59 13.51
CA ILE A 449 -11.98 2.42 13.48
C ILE A 449 -11.64 2.94 14.86
N SER A 450 -12.60 3.53 15.55
CA SER A 450 -12.29 4.18 16.83
C SER A 450 -13.56 4.36 17.65
N LYS A 451 -13.35 4.66 18.93
CA LYS A 451 -14.41 5.08 19.83
C LYS A 451 -14.07 6.48 20.33
N LEU A 452 -14.95 7.43 20.07
CA LEU A 452 -14.73 8.83 20.40
C LEU A 452 -15.67 9.22 21.54
N ILE A 453 -15.12 9.65 22.66
CA ILE A 453 -15.88 9.96 23.86
C ILE A 453 -15.64 11.41 24.23
N THR A 454 -16.71 12.10 24.60
CA THR A 454 -16.62 13.48 25.08
C THR A 454 -17.38 13.60 26.39
N TYR A 455 -16.91 14.49 27.26
CA TYR A 455 -17.53 14.70 28.55
C TYR A 455 -17.66 16.20 28.81
N GLY A 456 -18.64 16.55 29.63
CA GLY A 456 -18.90 17.93 29.95
C GLY A 456 -19.65 18.06 31.25
N SER A 457 -20.03 19.31 31.57
CA SER A 457 -20.80 19.54 32.79
C SER A 457 -22.25 19.11 32.62
N ASP A 458 -22.81 19.26 31.42
CA ASP A 458 -24.17 18.84 31.14
C ASP A 458 -24.21 18.21 29.76
N ARG A 459 -25.42 17.82 29.33
CA ARG A 459 -25.57 17.14 28.06
C ARG A 459 -25.22 18.05 26.89
N THR A 460 -25.60 19.32 26.96
CA THR A 460 -25.38 20.23 25.84
C THR A 460 -23.90 20.46 25.59
N GLU A 461 -23.12 20.67 26.65
CA GLU A 461 -21.68 20.85 26.47
C GLU A 461 -21.03 19.61 25.89
N ALA A 462 -21.44 18.43 26.36
CA ALA A 462 -20.91 17.18 25.83
C ALA A 462 -21.23 17.03 24.35
N LEU A 463 -22.47 17.36 23.96
CA LEU A 463 -22.86 17.26 22.55
C LEU A 463 -22.09 18.25 21.69
N LYS A 464 -21.89 19.47 22.18
CA LYS A 464 -21.12 20.46 21.43
C LYS A 464 -19.68 19.99 21.23
N ARG A 465 -19.06 19.47 22.28
CA ARG A 465 -17.70 18.96 22.16
C ARG A 465 -17.66 17.75 21.22
N MET A 466 -18.71 16.92 21.26
CA MET A 466 -18.78 15.78 20.35
C MET A 466 -18.82 16.24 18.90
N ALA A 467 -19.63 17.26 18.61
CA ALA A 467 -19.71 17.78 17.25
C ALA A 467 -18.38 18.39 16.82
N ASP A 468 -17.71 19.13 17.70
CA ASP A 468 -16.42 19.70 17.36
C ASP A 468 -15.40 18.60 17.08
N ALA A 469 -15.38 17.56 17.90
CA ALA A 469 -14.44 16.46 17.70
C ALA A 469 -14.70 15.76 16.38
N LEU A 470 -15.98 15.53 16.05
CA LEU A 470 -16.30 14.91 14.78
C LEU A 470 -15.86 15.78 13.60
N ASP A 471 -16.00 17.11 13.75
CA ASP A 471 -15.55 18.01 12.70
C ASP A 471 -14.04 18.02 12.55
N ASN A 472 -13.30 17.77 13.64
CA ASN A 472 -11.85 17.87 13.65
C ASN A 472 -11.17 16.51 13.58
N TYR A 473 -11.72 15.57 12.82
CA TYR A 473 -11.24 14.19 12.79
C TYR A 473 -10.92 13.82 11.35
N VAL A 474 -9.65 13.51 11.08
CA VAL A 474 -9.14 13.32 9.72
C VAL A 474 -8.97 11.83 9.48
N ILE A 475 -9.74 11.30 8.53
CA ILE A 475 -9.66 9.90 8.12
C ILE A 475 -9.68 9.86 6.59
N ARG A 476 -8.54 9.52 6.00
CA ARG A 476 -8.42 9.42 4.54
C ARG A 476 -7.90 8.05 4.18
N GLY A 477 -8.61 7.36 3.29
CA GLY A 477 -8.22 6.05 2.84
C GLY A 477 -9.38 5.07 2.78
N VAL A 478 -10.35 5.24 3.68
CA VAL A 478 -11.53 4.40 3.74
C VAL A 478 -12.75 5.29 3.93
N THR A 479 -13.93 4.71 3.69
CA THR A 479 -15.19 5.38 3.95
C THR A 479 -15.63 5.11 5.38
N HIS A 480 -16.13 6.14 6.05
CA HIS A 480 -16.53 6.06 7.44
C HIS A 480 -17.95 6.60 7.59
N ASN A 481 -18.46 6.57 8.81
CA ASN A 481 -19.83 6.97 9.11
C ASN A 481 -19.90 8.24 9.95
N ILE A 482 -18.92 9.13 9.80
CA ILE A 482 -18.89 10.35 10.61
C ILE A 482 -20.09 11.24 10.30
N ALA A 483 -20.51 11.26 9.03
CA ALA A 483 -21.67 12.07 8.65
C ALA A 483 -22.91 11.62 9.40
N LEU A 484 -23.14 10.31 9.48
CA LEU A 484 -24.30 9.79 10.19
C LEU A 484 -24.24 10.13 11.67
N LEU A 485 -23.07 9.99 12.29
CA LEU A 485 -22.95 10.31 13.71
C LEU A 485 -23.21 11.78 13.97
N ARG A 486 -22.67 12.66 13.13
CA ARG A 486 -22.90 14.09 13.33
C ARG A 486 -24.35 14.46 13.11
N GLU A 487 -25.01 13.80 12.16
CA GLU A 487 -26.44 14.04 11.96
C GLU A 487 -27.25 13.55 13.16
N VAL A 488 -26.83 12.45 13.76
CA VAL A 488 -27.55 11.92 14.92
C VAL A 488 -27.41 12.86 16.11
N ILE A 489 -26.19 13.34 16.38
CA ILE A 489 -25.98 14.10 17.61
C ILE A 489 -26.56 15.51 17.54
N ILE A 490 -26.88 16.03 16.35
CA ILE A 490 -27.48 17.35 16.22
C ILE A 490 -28.96 17.26 15.85
N ASN A 491 -29.52 16.06 15.81
CA ASN A 491 -30.93 15.91 15.50
C ASN A 491 -31.79 16.57 16.57
N SER A 492 -32.91 17.14 16.15
CA SER A 492 -33.80 17.82 17.08
C SER A 492 -34.37 16.86 18.11
N ARG A 493 -34.79 15.67 17.68
CA ARG A 493 -35.32 14.68 18.61
C ARG A 493 -34.24 14.21 19.58
N PHE A 494 -33.03 13.96 19.07
CA PHE A 494 -31.95 13.50 19.93
C PHE A 494 -31.59 14.55 20.97
N VAL A 495 -31.55 15.82 20.57
CA VAL A 495 -31.28 16.89 21.53
C VAL A 495 -32.41 16.98 22.54
N LYS A 496 -33.65 16.85 22.09
CA LYS A 496 -34.78 16.87 23.01
C LYS A 496 -34.73 15.69 23.98
N GLY A 497 -34.40 14.51 23.47
CA GLY A 497 -34.28 13.31 24.29
C GLY A 497 -35.27 12.22 23.98
N ASP A 498 -36.22 12.44 23.08
CA ASP A 498 -37.23 11.43 22.74
C ASP A 498 -36.65 10.51 21.67
N ILE A 499 -36.04 9.41 22.11
CA ILE A 499 -35.42 8.45 21.21
C ILE A 499 -35.82 7.04 21.62
N SER A 500 -35.73 6.12 20.66
CA SER A 500 -35.99 4.71 20.90
C SER A 500 -35.05 3.90 20.03
N THR A 501 -35.19 2.57 20.07
CA THR A 501 -34.32 1.71 19.28
C THR A 501 -34.61 1.79 17.79
N LYS A 502 -35.73 2.40 17.40
CA LYS A 502 -36.08 2.57 16.00
C LYS A 502 -35.82 4.00 15.51
N PHE A 503 -34.89 4.70 16.16
CA PHE A 503 -34.64 6.09 15.81
C PHE A 503 -34.15 6.23 14.38
N LEU A 504 -33.13 5.45 14.01
CA LEU A 504 -32.60 5.54 12.64
C LEU A 504 -33.62 5.05 11.62
N SER A 505 -34.44 4.07 12.01
CA SER A 505 -35.38 3.48 11.06
C SER A 505 -36.45 4.48 10.63
N ASP A 506 -36.94 5.30 11.56
CA ASP A 506 -38.03 6.22 11.24
C ASP A 506 -37.57 7.64 10.97
N VAL A 507 -36.40 8.05 11.47
CA VAL A 507 -35.87 9.36 11.10
C VAL A 507 -35.46 9.37 9.63
N TYR A 508 -34.96 8.23 9.13
CA TYR A 508 -34.57 8.07 7.73
C TYR A 508 -35.34 6.90 7.16
N PRO A 509 -36.62 7.10 6.81
CA PRO A 509 -37.40 6.00 6.22
C PRO A 509 -36.84 5.50 4.90
N ASP A 510 -36.23 6.37 4.10
CA ASP A 510 -35.70 5.99 2.80
C ASP A 510 -34.19 5.77 2.82
N GLY A 511 -33.56 5.81 3.99
CA GLY A 511 -32.12 5.67 4.10
C GLY A 511 -31.44 7.00 4.31
N PHE A 512 -30.20 6.92 4.79
CA PHE A 512 -29.43 8.13 5.07
C PHE A 512 -29.11 8.86 3.78
N LYS A 513 -29.28 10.18 3.80
CA LYS A 513 -29.06 11.00 2.62
C LYS A 513 -28.02 12.10 2.82
N GLY A 514 -27.56 12.32 4.03
CA GLY A 514 -26.62 13.39 4.31
C GLY A 514 -27.29 14.54 5.06
N HIS A 515 -26.52 15.59 5.25
CA HIS A 515 -27.01 16.79 5.94
C HIS A 515 -27.79 17.65 4.95
N MET A 516 -29.09 17.77 5.17
CA MET A 516 -29.92 18.67 4.37
C MET A 516 -29.64 20.09 4.85
N LEU A 517 -28.74 20.77 4.16
CA LEU A 517 -28.27 22.07 4.60
C LEU A 517 -29.27 23.17 4.24
N THR A 518 -29.47 24.09 5.18
CA THR A 518 -30.48 25.13 5.05
C THR A 518 -29.98 26.23 4.11
N LYS A 519 -30.75 27.32 3.99
CA LYS A 519 -30.36 28.41 3.10
C LYS A 519 -29.11 29.12 3.60
N SER A 520 -29.09 29.46 4.88
CA SER A 520 -27.92 30.13 5.44
C SER A 520 -26.69 29.23 5.38
N GLU A 521 -26.84 27.95 5.70
CA GLU A 521 -25.73 27.03 5.61
C GLU A 521 -25.28 26.86 4.16
N LYS A 522 -26.22 26.85 3.22
CA LYS A 522 -25.84 26.77 1.81
C LYS A 522 -25.02 27.99 1.39
N ASN A 523 -25.45 29.18 1.82
CA ASN A 523 -24.69 30.39 1.50
C ASN A 523 -23.31 30.34 2.13
N GLN A 524 -23.21 29.86 3.37
CA GLN A 524 -21.91 29.76 4.02
C GLN A 524 -20.99 28.79 3.28
N LEU A 525 -21.52 27.64 2.86
CA LEU A 525 -20.73 26.67 2.13
C LEU A 525 -20.26 27.23 0.80
N LEU A 526 -21.15 27.92 0.07
CA LEU A 526 -20.76 28.51 -1.20
C LEU A 526 -19.69 29.57 -1.01
N ALA A 527 -19.83 30.40 0.02
CA ALA A 527 -18.83 31.44 0.29
C ALA A 527 -17.49 30.82 0.61
N ILE A 528 -17.47 29.77 1.44
CA ILE A 528 -16.21 29.13 1.80
C ILE A 528 -15.56 28.51 0.57
N ALA A 529 -16.34 27.82 -0.26
CA ALA A 529 -15.78 27.21 -1.46
C ALA A 529 -15.22 28.26 -2.42
N SER A 530 -15.96 29.35 -2.62
CA SER A 530 -15.48 30.40 -3.52
C SER A 530 -14.21 31.04 -2.98
N SER A 531 -14.16 31.31 -1.67
CA SER A 531 -12.96 31.89 -1.08
C SER A 531 -11.77 30.97 -1.21
N LEU A 532 -11.98 29.67 -1.01
CA LEU A 532 -10.88 28.71 -1.16
C LEU A 532 -10.40 28.64 -2.60
N PHE A 533 -11.33 28.67 -3.57
CA PHE A 533 -10.95 28.68 -4.97
C PHE A 533 -10.10 29.90 -5.30
N VAL A 534 -10.53 31.08 -4.84
CA VAL A 534 -9.78 32.30 -5.13
C VAL A 534 -8.43 32.28 -4.41
N ALA A 535 -8.38 31.70 -3.20
CA ALA A 535 -7.11 31.60 -2.50
C ALA A 535 -6.12 30.72 -3.25
N PHE A 536 -6.59 29.60 -3.79
CA PHE A 536 -5.72 28.76 -4.61
C PHE A 536 -5.25 29.51 -5.85
N GLN A 537 -6.16 30.23 -6.50
CA GLN A 537 -5.77 31.01 -7.69
C GLN A 537 -4.72 32.05 -7.35
N LEU A 538 -4.87 32.72 -6.20
CA LEU A 538 -3.90 33.74 -5.80
C LEU A 538 -2.55 33.11 -5.45
N ARG A 539 -2.57 31.97 -4.76
CA ARG A 539 -1.32 31.29 -4.44
C ARG A 539 -0.59 30.83 -5.70
N ALA A 540 -1.33 30.51 -6.76
CA ALA A 540 -0.71 30.07 -7.99
C ALA A 540 0.18 31.14 -8.61
N GLN A 541 -0.01 32.40 -8.24
CA GLN A 541 0.74 33.51 -8.84
C GLN A 541 1.99 33.89 -8.08
N HIS A 542 2.33 33.20 -6.99
CA HIS A 542 3.46 33.56 -6.16
C HIS A 542 4.69 32.77 -6.61
N PHE A 543 5.54 33.38 -7.40
CA PHE A 543 6.80 32.82 -7.83
C PHE A 543 7.96 33.55 -7.16
N GLN A 544 9.12 32.91 -7.15
CA GLN A 544 10.32 33.58 -6.72
C GLN A 544 10.80 34.55 -7.81
N GLU A 545 11.59 35.54 -7.39
CA GLU A 545 12.11 36.52 -8.33
C GLU A 545 13.02 35.85 -9.35
N ASN A 546 12.85 36.23 -10.62
CA ASN A 546 13.61 35.64 -11.71
C ASN A 546 14.81 36.50 -12.13
N SER A 547 14.65 37.82 -12.13
CA SER A 547 15.71 38.78 -12.42
C SER A 547 16.10 38.78 -13.90
N ARG A 548 15.56 37.85 -14.66
CA ARG A 548 15.68 37.85 -16.12
C ARG A 548 14.37 38.23 -16.80
N MET A 549 13.26 37.71 -16.30
CA MET A 549 11.93 38.07 -16.79
C MET A 549 11.03 38.27 -15.58
N PRO A 550 10.85 39.50 -15.13
CA PRO A 550 10.00 39.75 -13.96
C PRO A 550 8.56 39.34 -14.22
N VAL A 551 7.87 38.94 -13.16
CA VAL A 551 6.49 38.50 -13.23
C VAL A 551 5.58 39.69 -12.97
N ILE A 552 4.65 39.92 -13.89
CA ILE A 552 3.67 40.99 -13.76
C ILE A 552 2.38 40.36 -13.25
N LYS A 553 2.14 40.46 -11.96
CA LYS A 553 0.96 39.84 -11.38
C LYS A 553 -0.31 40.50 -11.90
N PRO A 554 -1.33 39.73 -12.26
CA PRO A 554 -2.58 40.33 -12.70
C PRO A 554 -3.22 41.15 -11.60
N ASP A 555 -3.91 42.22 -12.00
CA ASP A 555 -4.53 43.16 -11.06
C ASP A 555 -6.03 42.94 -10.97
N ILE A 556 -6.47 41.68 -11.02
CA ILE A 556 -7.90 41.38 -10.90
C ILE A 556 -8.40 41.77 -9.51
N ALA A 557 -9.53 42.47 -9.48
CA ALA A 557 -10.13 42.94 -8.24
C ALA A 557 -11.29 42.09 -7.79
N ASN A 558 -12.25 41.82 -8.67
CA ASN A 558 -13.41 40.99 -8.36
C ASN A 558 -13.35 39.71 -9.19
N TRP A 559 -13.52 38.57 -8.53
CA TRP A 559 -13.64 37.30 -9.19
C TRP A 559 -15.12 36.97 -9.35
N GLU A 560 -15.58 36.84 -10.58
CA GLU A 560 -16.96 36.49 -10.87
C GLU A 560 -17.01 35.03 -11.27
N LEU A 561 -17.72 34.23 -10.48
CA LEU A 561 -17.70 32.79 -10.60
C LEU A 561 -19.11 32.23 -10.71
N SER A 562 -19.22 31.11 -11.40
CA SER A 562 -20.43 30.29 -11.42
C SER A 562 -20.14 29.01 -10.66
N VAL A 563 -20.95 28.74 -9.64
CA VAL A 563 -20.73 27.61 -8.74
C VAL A 563 -21.94 26.69 -8.87
N LYS A 564 -21.68 25.44 -9.25
CA LYS A 564 -22.72 24.43 -9.41
C LYS A 564 -22.69 23.53 -8.19
N LEU A 565 -23.82 23.47 -7.48
CA LEU A 565 -24.00 22.62 -6.33
C LEU A 565 -25.30 21.84 -6.52
N HIS A 566 -25.24 20.53 -6.29
CA HIS A 566 -26.34 19.63 -6.58
C HIS A 566 -26.73 19.77 -8.05
N ASP A 567 -27.89 20.39 -8.31
CA ASP A 567 -28.34 20.64 -9.68
C ASP A 567 -28.66 22.12 -9.91
N LYS A 568 -28.05 23.02 -9.14
CA LYS A 568 -28.32 24.44 -9.23
C LYS A 568 -27.03 25.21 -9.43
N VAL A 569 -27.13 26.34 -10.12
CA VAL A 569 -25.99 27.20 -10.43
C VAL A 569 -26.20 28.55 -9.74
N HIS A 570 -25.20 29.00 -9.01
CA HIS A 570 -25.23 30.25 -8.29
C HIS A 570 -24.13 31.17 -8.79
N THR A 571 -24.42 32.47 -8.86
CA THR A 571 -23.44 33.47 -9.26
C THR A 571 -22.80 34.06 -8.02
N VAL A 572 -21.47 34.10 -7.99
CA VAL A 572 -20.72 34.51 -6.82
C VAL A 572 -19.74 35.60 -7.24
N VAL A 573 -19.66 36.67 -6.45
CA VAL A 573 -18.67 37.73 -6.66
C VAL A 573 -17.79 37.79 -5.42
N ALA A 574 -16.51 37.46 -5.60
CA ALA A 574 -15.56 37.38 -4.49
C ALA A 574 -14.53 38.49 -4.60
N SER A 575 -14.18 39.08 -3.46
CA SER A 575 -13.14 40.09 -3.39
C SER A 575 -12.22 39.79 -2.22
N ASN A 576 -10.94 40.06 -2.40
CA ASN A 576 -9.92 39.76 -1.40
C ASN A 576 -9.32 41.07 -0.86
N ASN A 577 -9.14 41.13 0.45
CA ASN A 577 -8.56 42.29 1.12
C ASN A 577 -7.49 41.83 2.10
N GLY A 578 -6.60 40.96 1.63
CA GLY A 578 -5.60 40.38 2.49
C GLY A 578 -5.99 38.99 2.94
N SER A 579 -6.44 38.87 4.19
CA SER A 579 -6.93 37.60 4.72
C SER A 579 -8.44 37.56 4.83
N VAL A 580 -9.14 38.56 4.30
CA VAL A 580 -10.59 38.67 4.41
C VAL A 580 -11.18 38.64 3.01
N PHE A 581 -12.14 37.75 2.79
CA PHE A 581 -12.84 37.63 1.52
C PHE A 581 -14.28 38.12 1.70
N SER A 582 -14.66 39.10 0.89
CA SER A 582 -16.03 39.55 0.82
C SER A 582 -16.70 38.83 -0.34
N VAL A 583 -17.69 37.99 -0.03
CA VAL A 583 -18.31 37.12 -1.01
C VAL A 583 -19.79 37.46 -1.10
N GLU A 584 -20.26 37.72 -2.32
CA GLU A 584 -21.66 37.98 -2.59
C GLU A 584 -22.22 36.79 -3.35
N VAL A 585 -23.15 36.08 -2.72
CA VAL A 585 -23.81 34.92 -3.28
C VAL A 585 -25.26 35.28 -3.51
N ASP A 586 -25.64 35.44 -4.78
CA ASP A 586 -27.02 35.73 -5.18
C ASP A 586 -27.60 36.91 -4.40
N GLY A 587 -26.75 37.89 -4.12
CA GLY A 587 -27.19 39.07 -3.38
C GLY A 587 -26.72 39.11 -1.95
N SER A 588 -26.72 37.97 -1.27
CA SER A 588 -26.32 37.92 0.13
C SER A 588 -24.83 38.19 0.27
N LYS A 589 -24.46 39.01 1.24
CA LYS A 589 -23.09 39.41 1.46
C LYS A 589 -22.54 38.73 2.72
N LEU A 590 -21.36 38.12 2.59
CA LEU A 590 -20.72 37.42 3.70
C LEU A 590 -19.24 37.77 3.72
N ASN A 591 -18.64 37.65 4.90
CA ASN A 591 -17.21 37.85 5.07
C ASN A 591 -16.59 36.58 5.63
N VAL A 592 -15.56 36.08 4.96
CA VAL A 592 -14.86 34.86 5.37
C VAL A 592 -13.42 35.22 5.66
N THR A 593 -12.95 34.89 6.86
CA THR A 593 -11.57 35.17 7.25
C THR A 593 -10.93 33.92 7.79
N SER A 594 -9.64 33.74 7.48
CA SER A 594 -8.87 32.57 7.89
C SER A 594 -7.41 32.83 7.55
N THR A 595 -6.55 31.94 8.03
CA THR A 595 -5.15 31.99 7.65
C THR A 595 -4.91 31.45 6.25
N TRP A 596 -5.87 30.71 5.69
CA TRP A 596 -5.82 30.21 4.32
C TRP A 596 -4.58 29.35 4.09
N ASN A 597 -4.25 28.51 5.07
CA ASN A 597 -3.21 27.51 4.89
C ASN A 597 -3.76 26.39 4.00
N LEU A 598 -3.26 26.31 2.78
CA LEU A 598 -3.82 25.42 1.78
C LEU A 598 -3.27 23.99 1.86
N ALA A 599 -2.37 23.72 2.81
CA ALA A 599 -1.78 22.39 2.93
C ALA A 599 -2.30 21.58 4.10
N SER A 600 -2.83 22.23 5.14
CA SER A 600 -3.31 21.49 6.30
C SER A 600 -4.60 20.74 5.95
N PRO A 601 -4.76 19.51 6.44
CA PRO A 601 -6.01 18.78 6.18
C PRO A 601 -7.25 19.45 6.75
N LEU A 602 -7.13 20.13 7.88
CA LEU A 602 -8.24 20.84 8.49
C LEU A 602 -8.07 22.33 8.28
N LEU A 603 -9.13 23.00 7.82
CA LEU A 603 -9.12 24.43 7.61
C LEU A 603 -10.22 25.08 8.44
N SER A 604 -9.85 26.01 9.30
CA SER A 604 -10.80 26.73 10.13
C SER A 604 -11.02 28.13 9.55
N VAL A 605 -12.28 28.49 9.34
CA VAL A 605 -12.65 29.78 8.78
C VAL A 605 -13.70 30.40 9.69
N SER A 606 -13.88 31.70 9.53
CA SER A 606 -14.91 32.44 10.27
C SER A 606 -15.81 33.14 9.25
N VAL A 607 -17.05 32.69 9.16
CA VAL A 607 -18.04 33.25 8.25
C VAL A 607 -18.99 34.08 9.08
N ASP A 608 -18.88 35.41 8.95
CA ASP A 608 -19.76 36.35 9.66
C ASP A 608 -19.74 36.14 11.16
N GLY A 609 -18.58 35.75 11.70
CA GLY A 609 -18.42 35.50 13.11
C GLY A 609 -18.61 34.05 13.53
N THR A 610 -19.24 33.24 12.69
CA THR A 610 -19.47 31.85 13.01
C THR A 610 -18.25 31.03 12.58
N GLN A 611 -17.66 30.28 13.51
CA GLN A 611 -16.50 29.47 13.20
C GLN A 611 -16.93 28.16 12.54
N ARG A 612 -16.22 27.78 11.49
CA ARG A 612 -16.52 26.55 10.75
C ARG A 612 -15.22 25.85 10.40
N THR A 613 -15.20 24.53 10.61
CA THR A 613 -14.07 23.70 10.23
C THR A 613 -14.47 22.89 9.00
N VAL A 614 -13.67 23.00 7.94
CA VAL A 614 -13.95 22.33 6.68
C VAL A 614 -12.71 21.54 6.26
N GLN A 615 -12.93 20.53 5.42
CA GLN A 615 -11.85 19.77 4.84
C GLN A 615 -11.99 19.77 3.32
N CYS A 616 -10.86 19.90 2.62
CA CYS A 616 -10.84 19.86 1.16
C CYS A 616 -10.33 18.49 0.74
N LEU A 617 -11.25 17.57 0.48
CA LEU A 617 -10.86 16.19 0.19
C LEU A 617 -10.23 16.07 -1.19
N SER A 618 -10.78 16.78 -2.17
CA SER A 618 -10.30 16.66 -3.55
C SER A 618 -10.42 18.00 -4.24
N ARG A 619 -9.62 18.18 -5.29
CA ARG A 619 -9.61 19.41 -6.07
C ARG A 619 -9.00 19.11 -7.43
N GLU A 620 -9.59 19.71 -8.47
CA GLU A 620 -9.15 19.49 -9.84
C GLU A 620 -9.04 20.82 -10.56
N ALA A 621 -8.20 20.83 -11.62
CA ALA A 621 -8.04 22.03 -12.42
C ALA A 621 -9.30 22.40 -13.17
N GLY A 622 -10.23 21.46 -13.35
CA GLY A 622 -11.50 21.74 -14.00
C GLY A 622 -12.53 22.41 -13.13
N GLY A 623 -12.22 22.64 -11.85
CA GLY A 623 -13.13 23.32 -10.95
C GLY A 623 -13.90 22.42 -10.02
N ASN A 624 -13.68 21.12 -10.05
CA ASN A 624 -14.37 20.21 -9.15
C ASN A 624 -13.71 20.22 -7.78
N MET A 625 -14.53 20.33 -6.73
CA MET A 625 -14.03 20.30 -5.36
C MET A 625 -14.96 19.48 -4.49
N SER A 626 -14.37 18.64 -3.64
CA SER A 626 -15.12 17.92 -2.61
C SER A 626 -14.79 18.55 -1.27
N ILE A 627 -15.82 19.07 -0.60
CA ILE A 627 -15.65 19.80 0.65
C ILE A 627 -16.43 19.06 1.73
N GLN A 628 -15.74 18.63 2.78
CA GLN A 628 -16.40 18.10 3.97
C GLN A 628 -16.75 19.28 4.86
N PHE A 629 -18.06 19.50 5.02
CA PHE A 629 -18.64 20.63 5.73
C PHE A 629 -19.76 20.09 6.60
N LEU A 630 -19.74 20.45 7.88
CA LEU A 630 -20.72 19.95 8.86
C LEU A 630 -20.82 18.43 8.83
N GLY A 631 -19.71 17.76 8.54
CA GLY A 631 -19.63 16.32 8.53
C GLY A 631 -20.02 15.66 7.22
N THR A 632 -20.54 16.41 6.26
CA THR A 632 -21.02 15.84 5.01
C THR A 632 -20.16 16.33 3.85
N VAL A 633 -19.92 15.44 2.89
CA VAL A 633 -19.08 15.76 1.74
C VAL A 633 -19.97 16.27 0.61
N TYR A 634 -19.73 17.50 0.18
CA TYR A 634 -20.46 18.12 -0.91
C TYR A 634 -19.54 18.29 -2.11
N LYS A 635 -20.07 18.00 -3.30
CA LYS A 635 -19.33 18.10 -4.54
C LYS A 635 -19.79 19.35 -5.27
N VAL A 636 -18.88 20.32 -5.42
CA VAL A 636 -19.18 21.57 -6.09
C VAL A 636 -18.30 21.68 -7.32
N ASN A 637 -18.76 22.49 -8.28
CA ASN A 637 -17.97 22.80 -9.47
C ASN A 637 -17.91 24.31 -9.65
N ILE A 638 -16.70 24.87 -9.65
CA ILE A 638 -16.51 26.30 -9.70
C ILE A 638 -15.83 26.66 -11.02
N LEU A 639 -16.42 27.59 -11.76
CA LEU A 639 -15.84 28.10 -12.99
C LEU A 639 -15.89 29.63 -12.95
N THR A 640 -15.05 30.26 -13.77
CA THR A 640 -15.23 31.67 -14.00
C THR A 640 -16.46 31.90 -14.87
N ARG A 641 -16.97 33.14 -14.86
CA ARG A 641 -18.18 33.42 -15.64
C ARG A 641 -17.95 33.19 -17.12
N LEU A 642 -16.80 33.64 -17.63
CA LEU A 642 -16.46 33.37 -19.03
C LEU A 642 -16.36 31.87 -19.30
N ALA A 643 -15.78 31.13 -18.36
CA ALA A 643 -15.68 29.68 -18.51
C ALA A 643 -17.06 29.05 -18.58
N ALA A 644 -17.99 29.49 -17.75
CA ALA A 644 -19.35 28.95 -17.79
C ALA A 644 -20.04 29.29 -19.10
N GLU A 645 -19.90 30.54 -19.56
CA GLU A 645 -20.53 30.94 -20.81
C GLU A 645 -20.01 30.12 -21.98
N LEU A 646 -18.70 29.88 -22.02
CA LEU A 646 -18.16 29.06 -23.10
C LEU A 646 -18.49 27.59 -22.91
N ASN A 647 -18.60 27.13 -21.66
CA ASN A 647 -18.97 25.76 -21.37
C ASN A 647 -20.41 25.46 -21.76
N LYS A 648 -21.24 26.49 -21.90
CA LYS A 648 -22.60 26.28 -22.37
C LYS A 648 -22.62 25.60 -23.75
N PHE A 649 -21.56 25.76 -24.53
CA PHE A 649 -21.49 25.16 -25.86
C PHE A 649 -20.95 23.74 -25.86
N MET A 650 -20.43 23.26 -24.73
CA MET A 650 -19.85 21.91 -24.70
C MET A 650 -20.95 20.86 -24.75
N LEU A 651 -20.77 19.86 -25.61
CA LEU A 651 -21.75 18.80 -25.76
C LEU A 651 -21.69 17.85 -24.57
N GLU A 652 -22.86 17.38 -24.15
CA GLU A 652 -22.92 16.39 -23.07
C GLU A 652 -22.42 15.04 -23.57
N LYS A 653 -21.40 14.51 -22.92
CA LYS A 653 -20.82 13.25 -23.35
C LYS A 653 -21.77 12.10 -23.06
N VAL A 654 -22.01 11.27 -24.07
CA VAL A 654 -22.85 10.08 -23.94
C VAL A 654 -21.95 8.87 -23.80
N THR A 655 -22.24 8.01 -22.83
CA THR A 655 -21.43 6.85 -22.52
C THR A 655 -22.05 5.62 -23.16
N GLU A 656 -21.54 5.25 -24.34
CA GLU A 656 -22.00 4.03 -25.00
C GLU A 656 -21.43 2.78 -24.34
N ASP A 657 -20.33 2.90 -23.61
CA ASP A 657 -19.77 1.75 -22.90
C ASP A 657 -20.71 1.25 -21.83
N THR A 658 -21.39 2.16 -21.13
CA THR A 658 -22.39 1.80 -20.14
C THR A 658 -23.53 1.05 -20.82
N SER A 659 -23.66 -0.25 -20.51
CA SER A 659 -24.61 -1.15 -21.14
C SER A 659 -24.30 -1.33 -22.63
N SER A 660 -24.84 -2.39 -23.24
CA SER A 660 -24.63 -2.73 -24.64
C SER A 660 -23.17 -3.01 -24.97
N VAL A 661 -22.30 -3.11 -23.96
CA VAL A 661 -20.88 -3.35 -24.17
C VAL A 661 -20.37 -4.22 -23.03
N LEU A 662 -19.70 -5.31 -23.37
CA LEU A 662 -18.99 -6.12 -22.37
C LEU A 662 -17.62 -5.53 -22.06
N ARG A 663 -17.65 -4.33 -21.50
CA ARG A 663 -16.43 -3.73 -20.97
C ARG A 663 -15.91 -4.59 -19.83
N SER A 664 -14.64 -4.97 -19.90
CA SER A 664 -14.05 -5.92 -18.97
C SER A 664 -14.24 -5.48 -17.52
N PRO A 665 -15.07 -6.20 -16.75
CA PRO A 665 -15.25 -5.82 -15.34
C PRO A 665 -13.98 -5.89 -14.54
N MET A 666 -13.09 -6.83 -14.85
CA MET A 666 -11.81 -6.96 -14.17
C MET A 666 -10.85 -7.68 -15.09
N PRO A 667 -9.54 -7.51 -14.90
CA PRO A 667 -8.57 -8.24 -15.73
C PRO A 667 -8.59 -9.73 -15.43
N GLY A 668 -8.30 -10.53 -16.45
CA GLY A 668 -8.23 -11.96 -16.29
C GLY A 668 -8.03 -12.62 -17.63
N VAL A 669 -7.98 -13.95 -17.60
CA VAL A 669 -7.84 -14.77 -18.80
C VAL A 669 -9.16 -15.50 -19.02
N VAL A 670 -9.62 -15.53 -20.27
CA VAL A 670 -10.87 -16.18 -20.63
C VAL A 670 -10.56 -17.55 -21.23
N VAL A 671 -11.23 -18.59 -20.70
CA VAL A 671 -11.06 -19.94 -21.22
C VAL A 671 -11.70 -20.06 -22.60
N ALA A 672 -12.95 -19.60 -22.74
CA ALA A 672 -13.68 -19.71 -23.98
C ALA A 672 -14.85 -18.74 -23.96
N VAL A 673 -15.46 -18.54 -25.12
CA VAL A 673 -16.57 -17.63 -25.29
C VAL A 673 -17.82 -18.45 -25.59
N SER A 674 -18.88 -18.22 -24.81
CA SER A 674 -20.13 -18.96 -24.95
C SER A 674 -21.14 -18.23 -25.82
N VAL A 675 -20.77 -17.10 -26.42
CA VAL A 675 -21.67 -16.33 -27.26
C VAL A 675 -21.00 -16.05 -28.59
N LYS A 676 -21.83 -15.75 -29.59
CA LYS A 676 -21.39 -15.42 -30.93
C LYS A 676 -22.21 -14.23 -31.41
N PRO A 677 -21.69 -13.48 -32.41
CA PRO A 677 -22.47 -12.36 -32.94
C PRO A 677 -23.84 -12.78 -33.43
N GLY A 678 -24.87 -12.04 -33.03
CA GLY A 678 -26.24 -12.38 -33.36
C GLY A 678 -26.98 -13.17 -32.30
N ASP A 679 -26.41 -13.36 -31.12
CA ASP A 679 -27.04 -14.11 -30.04
C ASP A 679 -27.63 -13.14 -29.03
N ALA A 680 -28.89 -13.37 -28.65
CA ALA A 680 -29.57 -12.54 -27.67
C ALA A 680 -29.34 -13.13 -26.29
N VAL A 681 -28.65 -12.37 -25.43
CA VAL A 681 -28.35 -12.86 -24.09
C VAL A 681 -29.57 -12.73 -23.20
N ALA A 682 -29.53 -13.44 -22.08
CA ALA A 682 -30.60 -13.42 -21.09
C ALA A 682 -30.01 -13.30 -19.70
N GLU A 683 -30.83 -12.84 -18.76
CA GLU A 683 -30.40 -12.73 -17.38
C GLU A 683 -30.02 -14.08 -16.82
N GLY A 684 -28.83 -14.15 -16.22
CA GLY A 684 -28.30 -15.40 -15.68
C GLY A 684 -27.48 -16.21 -16.67
N GLN A 685 -27.45 -15.80 -17.93
CA GLN A 685 -26.68 -16.51 -18.95
C GLN A 685 -25.29 -15.90 -19.03
N GLU A 686 -24.28 -16.69 -18.66
CA GLU A 686 -22.91 -16.19 -18.65
C GLU A 686 -22.41 -15.97 -20.09
N ILE A 687 -21.68 -14.88 -20.28
CA ILE A 687 -21.17 -14.55 -21.60
C ILE A 687 -19.95 -15.40 -21.95
N CYS A 688 -18.95 -15.40 -21.07
CA CYS A 688 -17.73 -16.17 -21.28
C CYS A 688 -17.08 -16.44 -19.94
N VAL A 689 -16.55 -17.64 -19.77
CA VAL A 689 -15.89 -18.02 -18.53
C VAL A 689 -14.47 -17.47 -18.52
N ILE A 690 -14.13 -16.72 -17.47
CA ILE A 690 -12.87 -15.99 -17.37
C ILE A 690 -12.26 -16.29 -16.01
N GLU A 691 -11.07 -16.91 -16.00
CA GLU A 691 -10.39 -17.20 -14.75
C GLU A 691 -9.65 -15.97 -14.25
N ALA A 692 -9.89 -15.64 -12.97
CA ALA A 692 -9.41 -14.41 -12.35
C ALA A 692 -9.36 -14.64 -10.85
N MET A 693 -8.54 -13.87 -10.15
CA MET A 693 -8.17 -14.11 -8.75
C MET A 693 -8.03 -15.61 -8.46
N LYS A 694 -7.48 -16.34 -9.43
CA LYS A 694 -7.43 -17.81 -9.39
C LYS A 694 -8.83 -18.41 -9.28
N ASP A 695 -9.78 -17.82 -10.00
CA ASP A 695 -11.17 -18.28 -9.99
C ASP A 695 -11.80 -17.99 -11.35
N GLN A 696 -12.60 -18.93 -11.85
CA GLN A 696 -13.27 -18.75 -13.13
C GLN A 696 -14.50 -17.88 -12.95
N ASN A 697 -14.46 -16.67 -13.49
CA ASN A 697 -15.53 -15.69 -13.36
C ASN A 697 -16.36 -15.68 -14.65
N SER A 698 -17.38 -16.54 -14.69
CA SER A 698 -18.33 -16.54 -15.80
C SER A 698 -19.49 -15.61 -15.42
N MET A 699 -19.26 -14.32 -15.62
CA MET A 699 -20.21 -13.31 -15.19
C MET A 699 -21.53 -13.43 -15.96
N THR A 700 -22.64 -13.27 -15.25
CA THR A 700 -23.95 -13.32 -15.86
C THR A 700 -24.25 -12.03 -16.61
N ALA A 701 -25.10 -12.15 -17.64
CA ALA A 701 -25.45 -10.98 -18.45
C ALA A 701 -26.23 -9.96 -17.63
N GLY A 702 -27.26 -10.41 -16.92
CA GLY A 702 -28.09 -9.51 -16.15
C GLY A 702 -28.91 -8.56 -16.99
N LYS A 703 -29.03 -8.81 -18.28
CA LYS A 703 -29.76 -7.93 -19.19
C LYS A 703 -30.04 -8.70 -20.48
N THR A 704 -30.78 -8.06 -21.38
CA THR A 704 -31.16 -8.64 -22.65
C THR A 704 -30.58 -7.81 -23.79
N GLY A 705 -29.88 -8.46 -24.71
CA GLY A 705 -29.29 -7.78 -25.84
C GLY A 705 -28.66 -8.71 -26.85
N THR A 706 -28.94 -8.49 -28.14
CA THR A 706 -28.37 -9.32 -29.19
C THR A 706 -26.92 -8.93 -29.42
N VAL A 707 -26.03 -9.92 -29.40
CA VAL A 707 -24.59 -9.66 -29.51
C VAL A 707 -24.27 -9.15 -30.91
N LYS A 708 -23.79 -7.91 -30.99
CA LYS A 708 -23.42 -7.33 -32.28
C LYS A 708 -22.14 -7.95 -32.82
N SER A 709 -21.12 -8.09 -31.95
CA SER A 709 -19.84 -8.65 -32.37
C SER A 709 -19.13 -9.20 -31.14
N VAL A 710 -18.15 -10.07 -31.40
CA VAL A 710 -17.34 -10.69 -30.36
C VAL A 710 -15.87 -10.37 -30.65
N HIS A 711 -15.18 -9.82 -29.65
CA HIS A 711 -13.78 -9.48 -29.77
C HIS A 711 -12.86 -10.37 -28.95
N CYS A 712 -13.41 -11.20 -28.06
CA CYS A 712 -12.61 -12.07 -27.21
C CYS A 712 -12.59 -13.48 -27.80
N GLN A 713 -11.46 -14.16 -27.64
CA GLN A 713 -11.28 -15.52 -28.12
C GLN A 713 -10.95 -16.45 -26.96
N ALA A 714 -11.01 -17.74 -27.22
CA ALA A 714 -10.80 -18.74 -26.18
C ALA A 714 -9.38 -18.66 -25.62
N GLY A 715 -9.28 -18.68 -24.29
CA GLY A 715 -8.00 -18.70 -23.62
C GLY A 715 -7.13 -17.48 -23.86
N ASP A 716 -7.71 -16.29 -23.75
CA ASP A 716 -7.01 -15.05 -24.05
C ASP A 716 -6.92 -14.18 -22.81
N THR A 717 -5.78 -13.54 -22.60
CA THR A 717 -5.58 -12.66 -21.46
C THR A 717 -6.01 -11.24 -21.82
N VAL A 718 -6.98 -10.71 -21.08
CA VAL A 718 -7.54 -9.39 -21.33
C VAL A 718 -7.59 -8.64 -20.01
N GLY A 719 -7.06 -7.40 -20.01
CA GLY A 719 -7.06 -6.59 -18.82
C GLY A 719 -8.38 -5.87 -18.59
N GLU A 720 -8.46 -5.18 -17.45
CA GLU A 720 -9.66 -4.41 -17.12
C GLU A 720 -9.83 -3.25 -18.09
N GLY A 721 -11.07 -2.99 -18.48
CA GLY A 721 -11.36 -1.87 -19.35
C GLY A 721 -11.22 -2.15 -20.83
N ASP A 722 -11.19 -3.42 -21.25
CA ASP A 722 -11.07 -3.79 -22.65
C ASP A 722 -12.38 -4.41 -23.11
N LEU A 723 -12.91 -3.89 -24.21
CA LEU A 723 -14.16 -4.40 -24.76
C LEU A 723 -13.97 -5.82 -25.28
N LEU A 724 -14.90 -6.70 -24.96
CA LEU A 724 -14.86 -8.09 -25.38
C LEU A 724 -16.05 -8.50 -26.23
N VAL A 725 -17.26 -8.11 -25.86
CA VAL A 725 -18.47 -8.48 -26.59
C VAL A 725 -19.35 -7.26 -26.73
N GLU A 726 -19.79 -6.97 -27.95
CA GLU A 726 -20.71 -5.88 -28.21
C GLU A 726 -22.12 -6.44 -28.41
N LEU A 727 -23.09 -5.85 -27.71
CA LEU A 727 -24.48 -6.29 -27.83
C LEU A 727 -25.37 -5.04 -27.84
N GLU A 728 -26.67 -5.26 -27.76
CA GLU A 728 -27.63 -4.16 -27.74
C GLU A 728 -28.11 -3.87 -26.32
N ASP B 1 3.06 23.55 3.33
CA ASP B 1 3.44 22.17 3.55
C ASP B 1 4.88 22.08 4.06
N PRO B 2 5.04 21.79 5.35
CA PRO B 2 6.39 21.75 5.93
C PRO B 2 7.24 20.68 5.26
N SER B 3 8.52 21.01 5.07
CA SER B 3 9.43 20.11 4.35
C SER B 3 9.89 18.94 5.20
N ASP B 4 9.70 19.00 6.52
CA ASP B 4 10.08 17.91 7.41
C ASP B 4 8.88 17.08 7.84
N ARG B 5 7.80 17.12 7.08
CA ARG B 5 6.62 16.33 7.43
C ARG B 5 6.94 14.84 7.35
N LEU B 6 6.53 14.11 8.38
CA LEU B 6 6.74 12.67 8.40
C LEU B 6 5.61 11.96 7.66
N VAL B 7 5.92 10.77 7.15
CA VAL B 7 4.96 9.98 6.40
C VAL B 7 4.90 8.57 6.99
N PRO B 8 4.33 8.42 8.20
CA PRO B 8 4.30 7.08 8.82
C PRO B 8 3.45 6.09 8.05
N GLU B 9 2.58 6.54 7.15
CA GLU B 9 1.76 5.62 6.37
C GLU B 9 2.59 4.77 5.42
N LEU B 10 3.83 5.16 5.15
CA LEU B 10 4.71 4.40 4.27
C LEU B 10 5.51 3.33 5.00
N ASP B 11 5.38 3.23 6.32
CA ASP B 11 6.20 2.30 7.08
C ASP B 11 5.84 0.84 6.81
N THR B 12 4.61 0.55 6.37
CA THR B 12 4.18 -0.82 6.12
C THR B 12 3.51 -0.98 4.77
N ILE B 13 3.71 -0.03 3.86
CA ILE B 13 3.02 -0.09 2.57
C ILE B 13 3.57 -1.22 1.71
N VAL B 14 4.86 -1.53 1.84
CA VAL B 14 5.47 -2.61 1.07
C VAL B 14 5.16 -3.95 1.74
N PRO B 15 4.48 -4.87 1.06
CA PRO B 15 4.18 -6.16 1.68
C PRO B 15 5.43 -6.97 1.95
N LEU B 16 5.35 -7.83 2.98
CA LEU B 16 6.51 -8.61 3.39
C LEU B 16 6.94 -9.60 2.32
N GLU B 17 5.98 -10.30 1.72
CA GLU B 17 6.30 -11.24 0.66
C GLU B 17 6.20 -10.58 -0.70
N SER B 18 7.10 -10.97 -1.61
CA SER B 18 7.24 -10.29 -2.88
C SER B 18 6.16 -10.67 -3.90
N THR B 19 5.34 -11.68 -3.61
CA THR B 19 4.28 -12.04 -4.55
C THR B 19 3.23 -10.94 -4.65
N LYS B 20 2.90 -10.32 -3.52
CA LYS B 20 1.92 -9.24 -3.54
C LYS B 20 2.50 -7.97 -4.15
N ALA B 21 1.62 -7.14 -4.71
CA ALA B 21 1.99 -5.88 -5.31
C ALA B 21 1.38 -4.73 -4.52
N TYR B 22 1.93 -3.54 -4.74
CA TYR B 22 1.41 -2.31 -4.14
C TYR B 22 1.41 -1.23 -5.20
N ASN B 23 0.84 -0.08 -4.85
CA ASN B 23 0.72 1.05 -5.76
C ASN B 23 1.75 2.10 -5.39
N MET B 24 2.70 2.35 -6.31
CA MET B 24 3.69 3.40 -6.07
C MET B 24 3.09 4.79 -6.16
N VAL B 25 1.91 4.94 -6.76
CA VAL B 25 1.24 6.23 -6.78
C VAL B 25 0.90 6.68 -5.37
N ASP B 26 0.58 5.73 -4.49
CA ASP B 26 0.34 6.08 -3.09
C ASP B 26 1.58 6.65 -2.44
N ILE B 27 2.74 6.02 -2.69
CA ILE B 27 4.00 6.52 -2.16
C ILE B 27 4.29 7.92 -2.71
N ILE B 28 4.08 8.11 -4.01
CA ILE B 28 4.35 9.41 -4.61
C ILE B 28 3.44 10.47 -4.00
N HIS B 29 2.16 10.16 -3.83
CA HIS B 29 1.23 11.12 -3.26
C HIS B 29 1.60 11.47 -1.83
N SER B 30 2.03 10.47 -1.06
CA SER B 30 2.44 10.74 0.32
C SER B 30 3.68 11.63 0.38
N VAL B 31 4.63 11.40 -0.53
CA VAL B 31 5.93 12.08 -0.42
C VAL B 31 5.82 13.54 -0.84
N VAL B 32 5.11 13.82 -1.94
CA VAL B 32 5.18 15.14 -2.58
C VAL B 32 4.34 16.17 -1.84
N ASP B 33 4.54 17.45 -2.19
CA ASP B 33 3.82 18.54 -1.54
C ASP B 33 2.33 18.44 -1.83
N GLU B 34 1.52 18.53 -0.78
CA GLU B 34 0.06 18.61 -0.84
C GLU B 34 -0.56 17.41 -1.56
N ARG B 35 0.22 16.35 -1.77
CA ARG B 35 -0.27 15.13 -2.44
C ARG B 35 -0.81 15.43 -3.83
N GLU B 36 -0.18 16.36 -4.52
CA GLU B 36 -0.60 16.80 -5.84
C GLU B 36 0.41 16.29 -6.87
N PHE B 37 -0.08 15.55 -7.86
CA PHE B 37 0.76 14.89 -8.84
C PHE B 37 0.15 15.04 -10.22
N PHE B 38 0.91 15.58 -11.16
CA PHE B 38 0.47 15.71 -12.56
C PHE B 38 1.13 14.57 -13.33
N GLU B 39 0.35 13.53 -13.63
CA GLU B 39 0.87 12.34 -14.29
C GLU B 39 0.89 12.52 -15.79
N ILE B 40 1.98 12.10 -16.42
CA ILE B 40 2.14 12.14 -17.86
C ILE B 40 1.99 10.73 -18.41
N MET B 41 1.18 10.58 -19.45
CA MET B 41 0.85 9.28 -20.03
C MET B 41 0.29 8.31 -18.98
N PRO B 42 -0.79 8.68 -18.28
CA PRO B 42 -1.29 7.81 -17.21
C PRO B 42 -1.91 6.51 -17.72
N ASN B 43 -2.37 6.46 -18.96
CA ASN B 43 -3.09 5.31 -19.47
C ASN B 43 -2.29 4.49 -20.47
N TYR B 44 -1.00 4.79 -20.62
CA TYR B 44 -0.16 4.10 -21.59
C TYR B 44 1.14 3.68 -20.92
N ALA B 45 1.55 2.44 -21.17
CA ALA B 45 2.73 1.85 -20.55
C ALA B 45 2.68 2.01 -19.03
N LYS B 46 1.61 1.47 -18.45
CA LYS B 46 1.28 1.74 -17.06
C LYS B 46 2.23 1.08 -16.07
N ASN B 47 3.14 0.22 -16.53
CA ASN B 47 4.13 -0.36 -15.63
C ASN B 47 5.19 0.64 -15.19
N ILE B 48 5.22 1.84 -15.77
CA ILE B 48 6.09 2.91 -15.30
C ILE B 48 5.24 4.16 -15.12
N ILE B 49 5.66 5.02 -14.18
CA ILE B 49 4.95 6.23 -13.83
C ILE B 49 5.90 7.40 -13.98
N VAL B 50 5.49 8.41 -14.72
CA VAL B 50 6.24 9.65 -14.86
C VAL B 50 5.30 10.82 -14.63
N GLY B 51 5.83 11.89 -14.05
CA GLY B 51 5.00 13.06 -13.86
C GLY B 51 5.75 14.20 -13.22
N PHE B 52 5.02 15.29 -13.00
CA PHE B 52 5.54 16.49 -12.38
C PHE B 52 4.89 16.68 -11.02
N ALA B 53 5.68 17.13 -10.05
CA ALA B 53 5.16 17.49 -8.74
C ALA B 53 6.02 18.63 -8.18
N ARG B 54 5.79 18.98 -6.93
CA ARG B 54 6.59 19.98 -6.24
C ARG B 54 7.03 19.43 -4.90
N MET B 55 8.25 19.77 -4.50
CA MET B 55 8.68 19.57 -3.12
C MET B 55 9.33 20.84 -2.61
N ASN B 56 8.89 21.29 -1.44
CA ASN B 56 9.29 22.57 -0.87
C ASN B 56 9.09 23.71 -1.87
N GLY B 57 8.07 23.57 -2.71
CA GLY B 57 7.75 24.57 -3.70
C GLY B 57 8.52 24.48 -5.00
N ARG B 58 9.50 23.59 -5.09
CA ARG B 58 10.32 23.47 -6.29
C ARG B 58 9.79 22.34 -7.18
N THR B 59 9.68 22.62 -8.47
CA THR B 59 9.21 21.63 -9.42
C THR B 59 10.19 20.48 -9.53
N VAL B 60 9.67 19.26 -9.50
CA VAL B 60 10.47 18.04 -9.63
C VAL B 60 9.78 17.09 -10.60
N GLY B 61 10.59 16.31 -11.29
CA GLY B 61 10.10 15.23 -12.14
C GLY B 61 10.25 13.90 -11.43
N ILE B 62 9.21 13.09 -11.49
CA ILE B 62 9.12 11.83 -10.77
C ILE B 62 9.02 10.69 -11.77
N VAL B 63 9.89 9.69 -11.59
CA VAL B 63 9.89 8.46 -12.37
C VAL B 63 9.87 7.30 -11.38
N GLY B 64 9.02 6.31 -11.65
CA GLY B 64 8.92 5.18 -10.74
C GLY B 64 8.38 3.95 -11.44
N ASN B 65 8.65 2.79 -10.83
CA ASN B 65 8.11 1.54 -11.32
C ASN B 65 6.74 1.29 -10.70
N GLN B 66 5.90 0.56 -11.42
CA GLN B 66 4.56 0.23 -10.94
C GLN B 66 4.43 -1.27 -10.77
N PRO B 67 4.61 -1.80 -9.54
CA PRO B 67 4.51 -3.26 -9.35
C PRO B 67 3.12 -3.81 -9.60
N LYS B 68 2.08 -2.98 -9.63
CA LYS B 68 0.74 -3.48 -9.94
C LYS B 68 0.65 -4.03 -11.35
N VAL B 69 1.34 -3.39 -12.30
CA VAL B 69 1.22 -3.73 -13.72
C VAL B 69 2.49 -4.48 -14.12
N ALA B 70 2.31 -5.72 -14.56
CA ALA B 70 3.41 -6.55 -15.08
C ALA B 70 4.55 -6.69 -14.08
N SER B 71 4.22 -6.68 -12.78
CA SER B 71 5.19 -6.81 -11.69
C SER B 71 6.25 -5.71 -11.71
N GLY B 72 6.01 -4.62 -12.43
CA GLY B 72 6.97 -3.54 -12.52
C GLY B 72 8.09 -3.76 -13.49
N CYS B 73 8.00 -4.76 -14.37
CA CYS B 73 9.05 -5.03 -15.33
C CYS B 73 9.11 -3.93 -16.39
N LEU B 74 10.32 -3.71 -16.91
CA LEU B 74 10.54 -2.76 -17.98
C LEU B 74 10.32 -3.41 -19.33
N ASP B 75 9.85 -2.62 -20.29
CA ASP B 75 9.68 -3.08 -21.66
C ASP B 75 9.89 -1.91 -22.60
N ILE B 76 9.50 -2.08 -23.87
CA ILE B 76 9.78 -1.07 -24.88
C ILE B 76 9.01 0.22 -24.60
N ASN B 77 7.70 0.11 -24.40
CA ASN B 77 6.87 1.30 -24.25
C ASN B 77 7.25 2.08 -22.99
N SER B 78 7.43 1.38 -21.88
CA SER B 78 7.81 2.04 -20.63
C SER B 78 9.19 2.67 -20.76
N SER B 79 10.12 2.00 -21.44
CA SER B 79 11.45 2.56 -21.62
C SER B 79 11.40 3.87 -22.39
N VAL B 80 10.67 3.90 -23.51
CA VAL B 80 10.59 5.14 -24.28
C VAL B 80 9.87 6.23 -23.48
N LYS B 81 8.77 5.87 -22.82
CA LYS B 81 7.98 6.84 -22.06
C LYS B 81 8.80 7.48 -20.95
N GLY B 82 9.58 6.68 -20.22
CA GLY B 82 10.44 7.24 -19.20
C GLY B 82 11.61 8.01 -19.76
N ALA B 83 12.18 7.52 -20.87
CA ALA B 83 13.39 8.13 -21.42
C ALA B 83 13.13 9.54 -21.90
N ARG B 84 12.05 9.75 -22.65
CA ARG B 84 11.83 11.10 -23.17
C ARG B 84 11.50 12.08 -22.05
N PHE B 85 10.76 11.62 -21.04
CA PHE B 85 10.47 12.48 -19.90
C PHE B 85 11.74 12.86 -19.15
N VAL B 86 12.63 11.89 -18.94
CA VAL B 86 13.89 12.19 -18.26
C VAL B 86 14.72 13.17 -19.08
N ARG B 87 14.74 12.99 -20.39
CA ARG B 87 15.50 13.92 -21.25
C ARG B 87 14.94 15.33 -21.16
N PHE B 88 13.61 15.47 -21.19
CA PHE B 88 13.01 16.79 -21.05
C PHE B 88 13.35 17.42 -19.71
N CYS B 89 13.24 16.65 -18.63
CA CYS B 89 13.51 17.21 -17.31
C CYS B 89 14.97 17.64 -17.17
N ASP B 90 15.89 16.85 -17.74
CA ASP B 90 17.30 17.24 -17.70
C ASP B 90 17.55 18.48 -18.54
N ALA B 91 16.88 18.59 -19.69
CA ALA B 91 17.13 19.71 -20.59
C ALA B 91 16.68 21.05 -20.01
N PHE B 92 15.78 21.04 -19.02
CA PHE B 92 15.22 22.28 -18.48
C PHE B 92 15.45 22.41 -16.98
N ASN B 93 16.52 21.79 -16.46
CA ASN B 93 17.00 22.02 -15.11
C ASN B 93 15.96 21.65 -14.05
N ILE B 94 15.28 20.53 -14.23
CA ILE B 94 14.27 20.05 -13.30
C ILE B 94 14.83 18.83 -12.58
N PRO B 95 14.93 18.85 -11.25
CA PRO B 95 15.49 17.70 -10.53
C PRO B 95 14.64 16.45 -10.71
N LEU B 96 15.31 15.30 -10.66
CA LEU B 96 14.67 14.00 -10.90
C LEU B 96 14.67 13.18 -9.63
N ILE B 97 13.53 12.56 -9.34
CA ILE B 97 13.36 11.66 -8.21
C ILE B 97 12.85 10.33 -8.75
N THR B 98 13.51 9.24 -8.33
CA THR B 98 13.22 7.91 -8.83
C THR B 98 12.83 6.99 -7.69
N PHE B 99 11.82 6.15 -7.92
CA PHE B 99 11.42 5.10 -7.00
C PHE B 99 11.57 3.77 -7.73
N VAL B 100 12.37 2.87 -7.16
CA VAL B 100 12.81 1.68 -7.87
C VAL B 100 12.21 0.44 -7.22
N ASP B 101 11.42 -0.31 -7.99
CA ASP B 101 10.95 -1.64 -7.62
C ASP B 101 10.93 -2.56 -8.84
N VAL B 102 11.99 -2.52 -9.64
CA VAL B 102 12.04 -3.24 -10.90
C VAL B 102 12.65 -4.62 -10.67
N PRO B 103 12.00 -5.71 -11.10
CA PRO B 103 12.65 -7.02 -11.02
C PRO B 103 13.46 -7.38 -12.25
N GLY B 104 13.33 -6.62 -13.33
CA GLY B 104 14.07 -6.92 -14.55
C GLY B 104 13.29 -6.45 -15.77
N PHE B 105 13.67 -7.00 -16.92
CA PHE B 105 13.03 -6.70 -18.18
C PHE B 105 12.07 -7.82 -18.56
N LEU B 106 11.01 -7.45 -19.27
CA LEU B 106 9.98 -8.41 -19.64
C LEU B 106 10.51 -9.38 -20.68
N PRO B 107 10.45 -10.69 -20.46
CA PRO B 107 10.98 -11.65 -21.43
C PRO B 107 9.97 -11.97 -22.52
N GLY B 108 10.45 -12.63 -23.57
CA GLY B 108 9.60 -13.04 -24.67
C GLY B 108 10.16 -12.72 -26.02
N THR B 109 9.65 -13.40 -27.06
CA THR B 109 10.13 -13.13 -28.41
C THR B 109 9.57 -11.81 -28.95
N ALA B 110 8.41 -11.38 -28.46
CA ALA B 110 7.85 -10.11 -28.91
C ALA B 110 8.77 -8.95 -28.53
N GLN B 111 9.29 -8.96 -27.30
CA GLN B 111 10.18 -7.88 -26.87
C GLN B 111 11.48 -7.88 -27.65
N GLU B 112 12.05 -9.06 -27.90
CA GLU B 112 13.32 -9.15 -28.62
C GLU B 112 13.15 -8.74 -30.08
N TYR B 113 12.06 -9.17 -30.72
CA TYR B 113 11.83 -8.79 -32.11
C TYR B 113 11.45 -7.33 -32.22
N GLY B 114 10.86 -6.75 -31.18
CA GLY B 114 10.55 -5.33 -31.19
C GLY B 114 11.75 -4.44 -30.97
N GLY B 115 12.86 -5.00 -30.49
CA GLY B 115 14.06 -4.22 -30.24
C GLY B 115 14.14 -3.70 -28.82
N ILE B 116 13.91 -4.58 -27.85
CA ILE B 116 13.95 -4.19 -26.44
C ILE B 116 15.33 -3.68 -26.05
N ILE B 117 16.37 -4.17 -26.71
CA ILE B 117 17.73 -3.73 -26.40
C ILE B 117 17.90 -2.24 -26.67
N ARG B 118 17.40 -1.78 -27.83
CA ARG B 118 17.53 -0.39 -28.20
C ARG B 118 16.81 0.53 -27.22
N HIS B 119 15.60 0.15 -26.82
CA HIS B 119 14.80 1.03 -25.97
C HIS B 119 15.27 1.00 -24.52
N GLY B 120 15.70 -0.17 -24.03
CA GLY B 120 16.37 -0.20 -22.74
C GLY B 120 17.62 0.66 -22.72
N ALA B 121 18.39 0.62 -23.82
CA ALA B 121 19.52 1.53 -23.94
C ALA B 121 19.08 2.98 -23.96
N LYS B 122 17.92 3.26 -24.56
CA LYS B 122 17.40 4.63 -24.53
C LYS B 122 17.20 5.12 -23.10
N LEU B 123 16.53 4.31 -22.28
CA LEU B 123 16.29 4.72 -20.90
C LEU B 123 17.59 4.83 -20.11
N LEU B 124 18.50 3.86 -20.31
CA LEU B 124 19.79 3.91 -19.62
C LEU B 124 20.57 5.16 -20.00
N TYR B 125 20.60 5.49 -21.29
CA TYR B 125 21.24 6.71 -21.76
C TYR B 125 20.60 7.95 -21.15
N ALA B 126 19.27 8.01 -21.12
CA ALA B 126 18.61 9.20 -20.59
C ALA B 126 18.98 9.42 -19.13
N PHE B 127 19.01 8.35 -18.34
CA PHE B 127 19.45 8.51 -16.95
C PHE B 127 20.93 8.82 -16.86
N ALA B 128 21.74 8.33 -17.80
CA ALA B 128 23.19 8.49 -17.68
C ALA B 128 23.65 9.91 -18.01
N GLU B 129 23.05 10.56 -19.01
CA GLU B 129 23.57 11.88 -19.33
C GLU B 129 23.03 12.98 -18.44
N ALA B 130 22.05 12.69 -17.60
CA ALA B 130 21.40 13.75 -16.82
C ALA B 130 22.38 14.43 -15.91
N THR B 131 22.40 15.76 -15.94
CA THR B 131 23.26 16.55 -15.07
C THR B 131 22.49 17.34 -14.04
N VAL B 132 21.17 17.20 -14.01
CA VAL B 132 20.33 17.79 -12.96
C VAL B 132 20.50 16.93 -11.71
N PRO B 133 20.19 17.44 -10.51
CA PRO B 133 20.24 16.58 -9.33
C PRO B 133 19.32 15.38 -9.47
N LYS B 134 19.80 14.23 -9.01
CA LYS B 134 19.06 12.97 -9.10
C LYS B 134 19.03 12.33 -7.73
N VAL B 135 17.83 12.02 -7.25
CA VAL B 135 17.65 11.35 -5.95
C VAL B 135 16.86 10.06 -6.21
N THR B 136 17.40 8.95 -5.74
CA THR B 136 16.82 7.63 -5.98
C THR B 136 16.50 6.95 -4.66
N VAL B 137 15.35 6.31 -4.60
CA VAL B 137 14.92 5.54 -3.44
C VAL B 137 14.53 4.15 -3.92
N ILE B 138 15.16 3.13 -3.36
CA ILE B 138 14.84 1.74 -3.68
C ILE B 138 13.91 1.21 -2.60
N THR B 139 12.68 0.86 -2.97
CA THR B 139 11.69 0.38 -2.02
C THR B 139 11.68 -1.13 -1.89
N ARG B 140 11.94 -1.84 -2.99
CA ARG B 140 11.97 -3.30 -3.02
C ARG B 140 12.93 -3.73 -4.14
N LYS B 141 12.71 -4.91 -4.71
CA LYS B 141 13.63 -5.58 -5.61
C LYS B 141 14.31 -4.62 -6.60
N ALA B 142 15.59 -4.87 -6.85
CA ALA B 142 16.35 -4.17 -7.88
C ALA B 142 17.36 -5.18 -8.43
N TYR B 143 16.98 -5.85 -9.53
CA TYR B 143 17.71 -6.99 -10.04
C TYR B 143 18.35 -6.67 -11.39
N GLY B 144 19.56 -7.17 -11.60
CA GLY B 144 20.18 -7.18 -12.91
C GLY B 144 20.52 -5.80 -13.45
N GLY B 145 20.71 -5.77 -14.76
CA GLY B 145 21.05 -4.52 -15.43
C GLY B 145 19.99 -3.45 -15.28
N ALA B 146 18.74 -3.87 -15.04
CA ALA B 146 17.68 -2.91 -14.76
C ALA B 146 18.05 -2.03 -13.58
N TYR B 147 18.69 -2.60 -12.56
CA TYR B 147 19.14 -1.81 -11.42
C TYR B 147 20.11 -0.72 -11.87
N ASP B 148 21.00 -1.04 -12.82
CA ASP B 148 21.86 -0.02 -13.38
C ASP B 148 21.08 1.01 -14.18
N VAL B 149 20.01 0.57 -14.86
CA VAL B 149 19.25 1.47 -15.72
C VAL B 149 18.47 2.48 -14.90
N MET B 150 17.87 2.04 -13.79
CA MET B 150 16.98 2.89 -13.01
C MET B 150 17.76 3.83 -12.09
N SER B 151 18.64 4.62 -12.72
CA SER B 151 19.36 5.70 -12.05
C SER B 151 20.16 5.19 -10.85
N SER B 152 21.13 4.32 -11.13
CA SER B 152 21.99 3.80 -10.08
C SER B 152 22.98 4.87 -9.62
N LYS B 153 23.65 4.59 -8.50
CA LYS B 153 24.68 5.48 -8.00
C LYS B 153 25.84 5.61 -8.98
N HIS B 154 26.06 4.58 -9.79
CA HIS B 154 27.24 4.52 -10.64
C HIS B 154 27.07 5.30 -11.94
N LEU B 155 25.87 5.85 -12.18
CA LEU B 155 25.62 6.73 -13.32
C LEU B 155 25.75 8.20 -12.95
N CYS B 156 26.65 8.51 -12.03
CA CYS B 156 26.80 9.85 -11.45
C CYS B 156 25.53 10.27 -10.72
N GLY B 157 24.87 9.31 -10.07
CA GLY B 157 23.77 9.64 -9.19
C GLY B 157 24.25 10.38 -7.97
N ASP B 158 23.38 11.26 -7.45
CA ASP B 158 23.78 12.14 -6.36
C ASP B 158 23.56 11.49 -4.99
N THR B 159 22.32 11.12 -4.69
CA THR B 159 22.00 10.45 -3.43
C THR B 159 21.13 9.25 -3.71
N ASN B 160 21.47 8.11 -3.13
CA ASN B 160 20.72 6.88 -3.30
C ASN B 160 20.37 6.32 -1.93
N TYR B 161 19.10 6.00 -1.74
CA TYR B 161 18.59 5.49 -0.47
C TYR B 161 17.89 4.16 -0.69
N ALA B 162 17.92 3.32 0.33
CA ALA B 162 17.25 2.04 0.30
C ALA B 162 16.33 1.93 1.51
N TRP B 163 15.12 1.43 1.27
CA TRP B 163 14.24 1.09 2.37
C TRP B 163 14.65 -0.24 2.97
N PRO B 164 14.24 -0.53 4.21
CA PRO B 164 14.64 -1.80 4.83
C PRO B 164 14.09 -3.04 4.12
N THR B 165 13.33 -2.84 3.05
CA THR B 165 12.81 -3.95 2.24
C THR B 165 13.51 -4.05 0.90
N ALA B 166 14.55 -3.26 0.66
CA ALA B 166 15.23 -3.27 -0.63
C ALA B 166 16.02 -4.56 -0.83
N GLU B 167 16.21 -4.93 -2.09
CA GLU B 167 16.95 -6.13 -2.47
C GLU B 167 17.71 -5.83 -3.76
N ILE B 168 19.02 -5.60 -3.64
CA ILE B 168 19.88 -5.35 -4.79
C ILE B 168 20.72 -6.59 -5.03
N ALA B 169 20.59 -7.18 -6.21
CA ALA B 169 21.29 -8.42 -6.54
C ALA B 169 21.36 -8.57 -8.05
N VAL B 170 22.11 -9.57 -8.49
CA VAL B 170 22.19 -9.86 -9.92
C VAL B 170 20.88 -10.44 -10.43
N MET B 171 20.26 -11.33 -9.68
CA MET B 171 18.87 -11.75 -9.90
C MET B 171 18.38 -12.43 -8.62
N GLY B 172 17.24 -13.10 -8.72
CA GLY B 172 16.67 -13.76 -7.57
C GLY B 172 17.54 -14.90 -7.08
N ALA B 173 17.21 -15.38 -5.87
CA ALA B 173 18.06 -16.36 -5.20
C ALA B 173 18.14 -17.66 -5.97
N LYS B 174 17.02 -18.13 -6.52
CA LYS B 174 17.00 -19.46 -7.14
C LYS B 174 17.94 -19.53 -8.33
N GLY B 175 17.94 -18.50 -9.19
CA GLY B 175 18.82 -18.52 -10.34
C GLY B 175 20.29 -18.47 -9.96
N ALA B 176 20.62 -17.62 -8.99
CA ALA B 176 22.01 -17.51 -8.55
C ALA B 176 22.48 -18.82 -7.93
N VAL B 177 21.64 -19.46 -7.12
CA VAL B 177 22.02 -20.74 -6.53
C VAL B 177 22.19 -21.81 -7.61
N GLU B 178 21.27 -21.87 -8.57
CA GLU B 178 21.35 -22.89 -9.60
C GLU B 178 22.51 -22.65 -10.57
N ILE B 179 23.01 -21.42 -10.66
CA ILE B 179 24.15 -21.16 -11.53
C ILE B 179 25.48 -21.24 -10.79
N ILE B 180 25.49 -21.05 -9.47
CA ILE B 180 26.72 -21.14 -8.69
C ILE B 180 26.92 -22.57 -8.23
N PHE B 181 25.97 -23.08 -7.46
CA PHE B 181 26.06 -24.43 -6.90
C PHE B 181 25.44 -25.45 -7.86
N LYS B 182 25.99 -25.45 -9.08
CA LYS B 182 25.47 -26.34 -10.12
C LYS B 182 25.69 -27.81 -9.76
N GLY B 183 26.91 -28.15 -9.33
CA GLY B 183 27.22 -29.52 -8.97
C GLY B 183 27.02 -29.88 -7.51
N HIS B 184 26.69 -28.91 -6.67
CA HIS B 184 26.53 -29.18 -5.24
C HIS B 184 25.33 -30.07 -4.98
N GLU B 185 24.24 -29.88 -5.75
CA GLU B 185 22.98 -30.63 -5.63
C GLU B 185 22.52 -30.76 -4.18
N ASN B 186 22.90 -29.80 -3.34
CA ASN B 186 22.52 -29.75 -1.94
C ASN B 186 22.08 -28.33 -1.57
N VAL B 187 21.19 -27.78 -2.40
CA VAL B 187 20.79 -26.37 -2.31
C VAL B 187 19.89 -26.14 -1.09
N GLU B 188 19.60 -27.20 -0.35
CA GLU B 188 18.68 -27.10 0.80
C GLU B 188 19.14 -26.03 1.78
N ALA B 189 20.42 -26.05 2.15
CA ALA B 189 20.99 -25.02 3.00
C ALA B 189 21.67 -23.91 2.20
N ALA B 190 22.06 -24.17 0.96
CA ALA B 190 22.71 -23.16 0.14
C ALA B 190 21.77 -22.00 -0.13
N GLN B 191 20.51 -22.30 -0.47
CA GLN B 191 19.54 -21.23 -0.73
C GLN B 191 19.26 -20.44 0.54
N ALA B 192 19.18 -21.12 1.70
CA ALA B 192 18.97 -20.41 2.96
C ALA B 192 20.13 -19.46 3.24
N GLU B 193 21.36 -19.93 3.05
CA GLU B 193 22.52 -19.07 3.27
C GLU B 193 22.52 -17.90 2.30
N TYR B 194 22.18 -18.16 1.02
CA TYR B 194 22.19 -17.10 0.03
C TYR B 194 21.15 -16.04 0.33
N ILE B 195 19.94 -16.44 0.73
CA ILE B 195 18.92 -15.45 1.06
C ILE B 195 19.25 -14.73 2.34
N GLU B 196 19.93 -15.39 3.28
CA GLU B 196 20.32 -14.72 4.52
C GLU B 196 21.43 -13.71 4.28
N LYS B 197 22.31 -13.96 3.30
CA LYS B 197 23.46 -13.10 3.08
C LYS B 197 23.25 -12.01 2.05
N PHE B 198 22.49 -12.27 0.97
CA PHE B 198 22.40 -11.35 -0.14
C PHE B 198 21.00 -10.80 -0.41
N ALA B 199 19.95 -11.38 0.16
CA ALA B 199 18.58 -10.91 -0.10
C ALA B 199 18.22 -9.79 0.88
N ASN B 200 19.00 -8.71 0.80
CA ASN B 200 18.88 -7.55 1.69
C ASN B 200 19.76 -6.43 1.15
N PRO B 201 19.59 -5.19 1.62
CA PRO B 201 20.39 -4.08 1.08
C PRO B 201 21.83 -4.06 1.55
N PHE B 202 22.25 -5.00 2.40
CA PHE B 202 23.59 -4.95 2.98
C PHE B 202 24.71 -5.04 1.94
N PRO B 203 24.69 -5.96 0.97
CA PRO B 203 25.79 -5.99 0.00
C PRO B 203 26.01 -4.68 -0.74
N ALA B 204 24.92 -3.98 -1.10
CA ALA B 204 25.08 -2.67 -1.71
C ALA B 204 25.43 -1.60 -0.68
N ALA B 205 24.98 -1.76 0.56
CA ALA B 205 25.25 -0.76 1.58
C ALA B 205 26.71 -0.76 2.00
N VAL B 206 27.31 -1.94 2.14
CA VAL B 206 28.70 -2.03 2.60
C VAL B 206 29.68 -1.53 1.54
N ARG B 207 29.36 -1.68 0.26
CA ARG B 207 30.23 -1.15 -0.78
C ARG B 207 30.07 0.36 -0.96
N GLY B 208 29.04 0.96 -0.38
CA GLY B 208 28.75 2.36 -0.62
C GLY B 208 27.87 2.64 -1.81
N PHE B 209 27.14 1.64 -2.32
CA PHE B 209 26.29 1.86 -3.47
C PHE B 209 25.04 2.64 -3.09
N VAL B 210 24.57 2.50 -1.86
CA VAL B 210 23.50 3.33 -1.31
C VAL B 210 24.08 4.15 -0.16
N ASP B 211 23.70 5.42 -0.10
CA ASP B 211 24.24 6.30 0.93
C ASP B 211 23.79 5.88 2.32
N ASP B 212 22.54 5.46 2.46
CA ASP B 212 22.00 5.11 3.75
C ASP B 212 20.79 4.19 3.57
N ILE B 213 20.46 3.48 4.65
CA ILE B 213 19.21 2.74 4.74
C ILE B 213 18.32 3.52 5.69
N ILE B 214 17.23 4.05 5.17
CA ILE B 214 16.41 5.01 5.90
C ILE B 214 15.07 4.38 6.25
N GLN B 215 14.46 4.92 7.31
CA GLN B 215 13.09 4.55 7.63
C GLN B 215 12.14 5.15 6.60
N PRO B 216 11.14 4.39 6.15
CA PRO B 216 10.23 4.92 5.12
C PRO B 216 9.48 6.16 5.53
N SER B 217 9.31 6.40 6.83
CA SER B 217 8.55 7.56 7.30
C SER B 217 9.31 8.87 7.19
N SER B 218 10.61 8.83 6.94
CA SER B 218 11.42 10.04 6.84
C SER B 218 11.72 10.45 5.40
N THR B 219 11.31 9.63 4.42
CA THR B 219 11.68 9.81 3.02
C THR B 219 11.58 11.25 2.57
N ARG B 220 10.36 11.81 2.64
CA ARG B 220 10.15 13.18 2.16
C ARG B 220 11.17 14.13 2.75
N ALA B 221 11.31 14.11 4.08
CA ALA B 221 12.24 15.02 4.73
C ALA B 221 13.63 14.88 4.11
N ARG B 222 14.14 13.65 4.05
CA ARG B 222 15.45 13.43 3.48
C ARG B 222 15.55 14.05 2.10
N ILE B 223 14.57 13.74 1.23
CA ILE B 223 14.63 14.21 -0.14
C ILE B 223 14.70 15.73 -0.15
N CYS B 224 13.86 16.38 0.65
CA CYS B 224 13.86 17.84 0.65
C CYS B 224 15.23 18.37 1.01
N CYS B 225 15.85 17.80 2.04
CA CYS B 225 17.17 18.26 2.44
C CYS B 225 18.15 18.13 1.30
N ASP B 226 18.13 17.00 0.60
CA ASP B 226 19.03 16.82 -0.54
C ASP B 226 18.77 17.86 -1.60
N LEU B 227 17.50 18.14 -1.89
CA LEU B 227 17.19 19.13 -2.92
C LEU B 227 17.65 20.52 -2.53
N ASP B 228 17.89 20.76 -1.24
CA ASP B 228 18.44 22.05 -0.84
C ASP B 228 19.94 22.14 -1.12
N VAL B 229 20.66 21.02 -1.00
CA VAL B 229 22.11 21.08 -1.17
C VAL B 229 22.54 20.82 -2.62
N LEU B 230 21.71 20.19 -3.42
CA LEU B 230 22.04 19.85 -4.79
C LEU B 230 21.59 20.90 -5.79
N ALA B 231 20.99 22.01 -5.33
CA ALA B 231 20.49 23.03 -6.24
C ALA B 231 21.62 23.72 -7.00
N SER B 232 22.85 23.68 -6.50
CA SER B 232 23.99 24.31 -7.14
C SER B 232 24.94 23.28 -7.75
N LYS B 233 24.40 22.20 -8.31
CA LYS B 233 25.20 21.12 -8.86
C LYS B 233 25.67 21.50 -10.27
N LYS B 234 26.97 21.73 -10.42
CA LYS B 234 27.59 21.98 -11.71
C LYS B 234 28.56 20.86 -12.03
N VAL B 235 28.48 20.33 -13.24
CA VAL B 235 29.39 19.29 -13.72
C VAL B 235 29.90 19.68 -15.10
N GLN B 236 31.06 19.14 -15.45
CA GLN B 236 31.71 19.43 -16.72
C GLN B 236 31.89 18.14 -17.50
N ARG B 237 31.57 18.19 -18.79
CA ARG B 237 31.61 17.04 -19.69
C ARG B 237 32.39 17.42 -20.94
N PRO B 238 32.91 16.42 -21.66
CA PRO B 238 33.67 16.73 -22.88
C PRO B 238 32.80 17.41 -23.92
N TRP B 239 33.44 18.27 -24.72
CA TRP B 239 32.73 19.02 -25.75
C TRP B 239 32.28 18.10 -26.88
N ARG B 240 31.13 18.40 -27.45
CA ARG B 240 30.65 17.76 -28.66
C ARG B 240 29.54 18.61 -29.25
N LYS B 241 29.28 18.41 -30.55
CA LYS B 241 28.12 19.04 -31.17
C LYS B 241 26.84 18.47 -30.58
N HIS B 242 26.73 17.15 -30.55
CA HIS B 242 25.66 16.43 -29.88
C HIS B 242 26.09 14.98 -29.80
N ALA B 243 25.41 14.21 -28.95
CA ALA B 243 25.72 12.80 -28.82
C ALA B 243 24.80 11.99 -29.73
N ASN B 244 24.94 10.67 -29.66
CA ASN B 244 24.20 9.75 -30.54
C ASN B 244 23.40 8.80 -29.66
N ILE B 245 22.20 9.23 -29.27
CA ILE B 245 21.32 8.39 -28.46
C ILE B 245 20.81 7.24 -29.32
N PRO B 246 20.70 6.01 -28.80
CA PRO B 246 20.21 4.90 -29.62
C PRO B 246 18.74 5.02 -29.95
N LEU B 247 18.38 5.95 -30.81
CA LEU B 247 16.98 6.13 -31.18
C LEU B 247 16.51 4.96 -32.04
N ALA C 32 69.77 -14.92 -5.23
CA ALA C 32 68.93 -15.54 -6.24
C ALA C 32 67.45 -15.29 -5.94
N THR C 33 66.74 -14.73 -6.91
CA THR C 33 65.33 -14.41 -6.78
C THR C 33 64.54 -15.11 -7.88
N SER C 34 63.33 -15.55 -7.53
CA SER C 34 62.44 -16.21 -8.47
C SER C 34 61.45 -15.25 -9.12
N VAL C 35 61.74 -13.96 -9.10
CA VAL C 35 60.82 -12.98 -9.68
C VAL C 35 60.78 -13.11 -11.19
N ASN C 36 61.93 -13.37 -11.82
CA ASN C 36 61.98 -13.47 -13.28
C ASN C 36 61.17 -14.68 -13.77
N GLU C 37 61.36 -15.84 -13.14
CA GLU C 37 60.58 -17.01 -13.55
C GLU C 37 59.10 -16.84 -13.20
N ARG C 38 58.79 -16.12 -12.12
CA ARG C 38 57.41 -15.80 -11.83
C ARG C 38 56.79 -14.97 -12.95
N ILE C 39 57.52 -13.96 -13.43
CA ILE C 39 57.02 -13.13 -14.52
C ILE C 39 56.82 -13.95 -15.78
N GLU C 40 57.78 -14.84 -16.09
CA GLU C 40 57.66 -15.66 -17.29
C GLU C 40 56.47 -16.60 -17.20
N ASN C 41 56.28 -17.24 -16.04
CA ASN C 41 55.13 -18.13 -15.88
C ASN C 41 53.81 -17.37 -15.98
N LYS C 42 53.75 -16.18 -15.38
CA LYS C 42 52.54 -15.37 -15.48
C LYS C 42 52.26 -14.98 -16.93
N ARG C 43 53.31 -14.63 -17.68
CA ARG C 43 53.13 -14.27 -19.08
C ARG C 43 52.61 -15.46 -19.88
N ARG C 44 53.21 -16.64 -19.69
CA ARG C 44 52.78 -17.79 -20.46
C ARG C 44 51.34 -18.18 -20.11
N THR C 45 50.97 -18.06 -18.82
CA THR C 45 49.59 -18.31 -18.44
C THR C 45 48.64 -17.29 -19.05
N ALA C 46 49.07 -16.02 -19.11
CA ALA C 46 48.23 -14.98 -19.68
C ALA C 46 47.98 -15.22 -21.17
N LEU C 47 49.02 -15.58 -21.92
CA LEU C 47 48.81 -15.92 -23.33
C LEU C 47 47.95 -17.17 -23.48
N LEU C 48 48.16 -18.18 -22.64
CA LEU C 48 47.33 -19.38 -22.75
C LEU C 48 45.89 -19.17 -22.30
N GLY C 49 45.59 -18.04 -21.67
CA GLY C 49 44.21 -17.77 -21.26
C GLY C 49 43.73 -18.75 -20.23
N GLY C 50 42.48 -19.22 -20.42
CA GLY C 50 41.91 -20.17 -19.48
C GLY C 50 42.61 -21.52 -19.52
N GLY C 51 42.95 -21.99 -20.72
CA GLY C 51 43.65 -23.25 -20.85
C GLY C 51 43.63 -23.74 -22.28
N GLN C 52 44.49 -24.73 -22.54
CA GLN C 52 44.59 -25.29 -23.88
C GLN C 52 43.33 -26.08 -24.25
N ARG C 53 42.76 -26.81 -23.29
CA ARG C 53 41.56 -27.58 -23.55
C ARG C 53 40.39 -26.67 -23.93
N ARG C 54 40.22 -25.58 -23.20
CA ARG C 54 39.14 -24.65 -23.53
C ARG C 54 39.43 -23.89 -24.81
N ILE C 55 40.69 -23.64 -25.12
CA ILE C 55 41.04 -23.06 -26.41
C ILE C 55 40.65 -24.00 -27.54
N ASP C 56 40.92 -25.29 -27.38
CA ASP C 56 40.53 -26.26 -28.39
C ASP C 56 39.01 -26.34 -28.51
N ALA C 57 38.30 -26.26 -27.38
CA ALA C 57 36.84 -26.24 -27.43
C ALA C 57 36.32 -25.02 -28.18
N GLN C 58 36.95 -23.85 -27.95
CA GLN C 58 36.57 -22.65 -28.67
C GLN C 58 36.84 -22.80 -30.17
N HIS C 59 37.97 -23.42 -30.53
CA HIS C 59 38.30 -23.61 -31.93
C HIS C 59 37.38 -24.60 -32.61
N LYS C 60 36.87 -25.59 -31.86
CA LYS C 60 35.96 -26.57 -32.43
C LYS C 60 34.62 -25.95 -32.82
N ARG C 61 34.26 -24.81 -32.23
CA ARG C 61 33.02 -24.13 -32.54
C ARG C 61 33.17 -23.15 -33.71
N GLY C 62 34.34 -23.10 -34.34
CA GLY C 62 34.56 -22.16 -35.42
C GLY C 62 34.89 -20.76 -34.98
N LYS C 63 35.29 -20.58 -33.73
CA LYS C 63 35.59 -19.26 -33.18
C LYS C 63 37.07 -19.16 -32.84
N LEU C 64 37.62 -17.96 -33.03
CA LEU C 64 39.01 -17.68 -32.69
C LEU C 64 39.11 -17.26 -31.22
N THR C 65 40.35 -17.07 -30.77
CA THR C 65 40.58 -16.55 -29.43
C THR C 65 40.72 -15.03 -29.47
N ALA C 66 40.71 -14.42 -28.29
CA ALA C 66 40.75 -12.97 -28.20
C ALA C 66 42.05 -12.41 -28.79
N ARG C 67 43.18 -13.03 -28.47
CA ARG C 67 44.46 -12.52 -28.94
C ARG C 67 44.64 -12.73 -30.44
N GLU C 68 44.13 -13.85 -30.97
CA GLU C 68 44.14 -14.05 -32.41
C GLU C 68 43.28 -13.01 -33.12
N ARG C 69 42.11 -12.70 -32.55
CA ARG C 69 41.26 -11.67 -33.12
C ARG C 69 41.96 -10.32 -33.13
N ILE C 70 42.65 -9.99 -32.04
CA ILE C 70 43.38 -8.73 -31.97
C ILE C 70 44.49 -8.71 -33.02
N SER C 71 45.22 -9.81 -33.15
CA SER C 71 46.31 -9.87 -34.13
C SER C 71 45.79 -9.72 -35.55
N LEU C 72 44.61 -10.26 -35.83
CA LEU C 72 44.02 -10.09 -37.16
C LEU C 72 43.52 -8.67 -37.38
N LEU C 73 42.98 -8.03 -36.33
CA LEU C 73 42.39 -6.71 -36.51
C LEU C 73 43.45 -5.63 -36.71
N LEU C 74 44.52 -5.68 -35.92
CA LEU C 74 45.48 -4.59 -35.88
C LEU C 74 46.62 -4.82 -36.88
N ASP C 75 47.38 -3.75 -37.13
CA ASP C 75 48.57 -3.84 -37.97
C ASP C 75 49.61 -4.72 -37.29
N PRO C 76 50.41 -5.45 -38.05
CA PRO C 76 51.40 -6.36 -37.44
C PRO C 76 52.45 -5.58 -36.66
N GLY C 77 52.64 -5.99 -35.41
CA GLY C 77 53.64 -5.39 -34.55
C GLY C 77 53.23 -4.09 -33.87
N SER C 78 51.96 -3.70 -33.97
CA SER C 78 51.51 -2.43 -33.41
C SER C 78 50.70 -2.59 -32.14
N PHE C 79 50.47 -3.80 -31.67
CA PHE C 79 49.66 -4.01 -30.47
C PHE C 79 50.48 -3.80 -29.21
N VAL C 80 50.03 -2.87 -28.36
CA VAL C 80 50.61 -2.64 -27.04
C VAL C 80 49.52 -2.96 -26.03
N GLU C 81 49.72 -4.00 -25.25
CA GLU C 81 48.74 -4.48 -24.28
C GLU C 81 48.93 -3.80 -22.94
N SER C 82 47.83 -3.64 -22.20
CA SER C 82 47.88 -3.05 -20.87
C SER C 82 47.10 -3.94 -19.90
N ASP C 83 47.46 -3.82 -18.62
CA ASP C 83 46.81 -4.56 -17.54
C ASP C 83 46.86 -6.07 -17.79
N MET C 84 48.05 -6.56 -18.11
CA MET C 84 48.22 -7.97 -18.45
C MET C 84 48.16 -8.86 -17.22
N PHE C 85 48.63 -8.38 -16.07
CA PHE C 85 48.71 -9.17 -14.85
C PHE C 85 47.56 -8.90 -13.89
N VAL C 86 46.55 -8.15 -14.32
CA VAL C 86 45.44 -7.82 -13.44
C VAL C 86 44.59 -9.04 -13.19
N GLU C 87 44.25 -9.28 -11.92
CA GLU C 87 43.47 -10.44 -11.50
C GLU C 87 42.28 -9.98 -10.67
N HIS C 88 41.23 -10.80 -10.66
CA HIS C 88 40.03 -10.48 -9.92
C HIS C 88 40.27 -10.62 -8.42
N ARG C 89 39.37 -10.02 -7.64
CA ARG C 89 39.49 -9.98 -6.18
C ARG C 89 38.28 -10.59 -5.48
N CYS C 90 37.64 -11.58 -6.11
CA CYS C 90 36.51 -12.24 -5.48
C CYS C 90 36.99 -13.21 -4.41
N ALA C 91 36.27 -13.26 -3.29
CA ALA C 91 36.62 -14.13 -2.19
C ALA C 91 35.46 -15.02 -1.73
N ASP C 92 34.33 -14.98 -2.44
CA ASP C 92 33.16 -15.76 -2.08
C ASP C 92 33.07 -17.01 -2.95
N PHE C 93 32.43 -18.04 -2.41
CA PHE C 93 32.21 -19.30 -3.11
C PHE C 93 33.51 -19.94 -3.57
N GLY C 94 34.57 -19.79 -2.78
CA GLY C 94 35.85 -20.39 -3.11
C GLY C 94 36.49 -19.88 -4.37
N MET C 95 36.28 -18.61 -4.70
CA MET C 95 36.92 -18.02 -5.87
C MET C 95 38.32 -17.50 -5.59
N ALA C 96 38.74 -17.50 -4.32
CA ALA C 96 40.09 -17.09 -3.96
C ALA C 96 41.13 -18.19 -4.18
N ALA C 97 40.69 -19.39 -4.54
CA ALA C 97 41.61 -20.48 -4.78
C ALA C 97 42.49 -20.19 -5.99
N ASP C 98 43.66 -20.82 -6.03
CA ASP C 98 44.60 -20.58 -7.12
C ASP C 98 44.04 -21.00 -8.46
N LYS C 99 43.30 -22.11 -8.51
CA LYS C 99 42.76 -22.60 -9.76
C LYS C 99 41.71 -21.66 -10.35
N ASN C 100 41.13 -20.78 -9.55
CA ASN C 100 40.15 -19.81 -10.03
C ASN C 100 40.76 -18.44 -10.28
N LYS C 101 42.09 -18.33 -10.26
CA LYS C 101 42.78 -17.07 -10.49
C LYS C 101 43.46 -17.12 -11.85
N PHE C 102 43.04 -16.26 -12.77
CA PHE C 102 43.59 -16.19 -14.11
C PHE C 102 44.11 -14.78 -14.37
N PRO C 103 45.40 -14.60 -14.68
CA PRO C 103 45.88 -13.27 -15.05
C PRO C 103 45.18 -12.78 -16.31
N GLY C 104 44.87 -11.49 -16.33
CA GLY C 104 44.13 -10.86 -17.42
C GLY C 104 42.63 -10.81 -17.18
N ASP C 105 42.07 -11.89 -16.64
CA ASP C 105 40.67 -11.95 -16.22
C ASP C 105 39.71 -11.74 -17.40
N SER C 106 39.82 -12.64 -18.38
CA SER C 106 38.81 -12.80 -19.42
C SER C 106 38.64 -11.55 -20.28
N VAL C 107 39.68 -10.73 -20.40
CA VAL C 107 39.64 -9.61 -21.34
C VAL C 107 41.07 -9.22 -21.66
N VAL C 108 41.33 -8.95 -22.93
CA VAL C 108 42.63 -8.49 -23.42
C VAL C 108 42.43 -7.06 -23.92
N THR C 109 43.13 -6.11 -23.32
CA THR C 109 42.92 -4.70 -23.61
C THR C 109 44.24 -4.06 -24.04
N GLY C 110 44.15 -3.13 -24.97
CA GLY C 110 45.35 -2.42 -25.38
C GLY C 110 45.06 -1.40 -26.45
N ARG C 111 46.13 -0.96 -27.10
CA ARG C 111 46.04 0.00 -28.18
C ARG C 111 46.86 -0.50 -29.37
N GLY C 112 46.43 -0.10 -30.57
CA GLY C 112 47.12 -0.49 -31.78
C GLY C 112 46.89 0.49 -32.90
N ARG C 113 47.25 0.12 -34.11
CA ARG C 113 47.07 0.98 -35.28
C ARG C 113 46.42 0.21 -36.40
N ILE C 114 45.47 0.85 -37.06
CA ILE C 114 44.86 0.34 -38.28
C ILE C 114 45.26 1.27 -39.41
N ASN C 115 46.01 0.75 -40.38
CA ASN C 115 46.51 1.53 -41.50
C ASN C 115 47.25 2.78 -41.04
N GLY C 116 47.94 2.66 -39.91
CA GLY C 116 48.71 3.75 -39.36
C GLY C 116 47.97 4.69 -38.42
N ARG C 117 46.68 4.48 -38.21
CA ARG C 117 45.89 5.36 -37.36
C ARG C 117 45.60 4.69 -36.02
N LEU C 118 45.75 5.47 -34.94
CA LEU C 118 45.66 4.94 -33.60
C LEU C 118 44.23 4.49 -33.27
N VAL C 119 44.12 3.41 -32.49
CA VAL C 119 42.84 2.89 -32.04
C VAL C 119 43.06 2.16 -30.73
N TYR C 120 42.03 2.12 -29.90
CA TYR C 120 42.04 1.36 -28.65
C TYR C 120 41.05 0.21 -28.77
N VAL C 121 41.45 -0.95 -28.24
CA VAL C 121 40.71 -2.19 -28.49
C VAL C 121 40.65 -3.01 -27.20
N PHE C 122 39.54 -3.70 -27.01
CA PHE C 122 39.41 -4.72 -25.99
C PHE C 122 38.69 -5.92 -26.60
N SER C 123 39.15 -7.12 -26.25
CA SER C 123 38.58 -8.36 -26.74
C SER C 123 38.25 -9.24 -25.55
N GLN C 124 36.99 -9.68 -25.46
CA GLN C 124 36.54 -10.48 -24.33
C GLN C 124 36.88 -11.94 -24.56
N ASP C 125 37.46 -12.57 -23.54
CA ASP C 125 37.94 -13.95 -23.64
C ASP C 125 36.90 -14.88 -23.03
N PHE C 126 36.16 -15.58 -23.90
CA PHE C 126 35.17 -16.55 -23.46
C PHE C 126 35.82 -17.75 -22.77
N THR C 127 37.13 -17.91 -22.89
CA THR C 127 37.82 -19.06 -22.30
C THR C 127 37.81 -19.01 -20.78
N VAL C 128 37.76 -17.81 -20.19
CA VAL C 128 37.85 -17.63 -18.75
C VAL C 128 36.47 -17.28 -18.22
N PHE C 129 35.87 -18.23 -17.49
CA PHE C 129 34.56 -18.03 -16.85
C PHE C 129 33.50 -17.62 -17.86
N GLY C 130 33.61 -18.14 -19.08
CA GLY C 130 32.67 -17.78 -20.12
C GLY C 130 32.68 -16.32 -20.48
N GLY C 131 33.81 -15.63 -20.31
CA GLY C 131 33.90 -14.22 -20.61
C GLY C 131 33.06 -13.35 -19.70
N SER C 132 32.61 -13.87 -18.56
CA SER C 132 31.76 -13.12 -17.67
C SER C 132 32.50 -11.91 -17.10
N LEU C 133 31.76 -10.83 -16.88
CA LEU C 133 32.34 -9.56 -16.46
C LEU C 133 32.45 -9.51 -14.94
N SER C 134 33.65 -9.20 -14.47
CA SER C 134 33.94 -9.05 -13.05
C SER C 134 34.43 -7.63 -12.79
N GLY C 135 34.90 -7.38 -11.56
CA GLY C 135 35.43 -6.08 -11.24
C GLY C 135 36.67 -5.72 -12.04
N ALA C 136 37.60 -6.67 -12.15
CA ALA C 136 38.84 -6.41 -12.88
C ALA C 136 38.58 -6.25 -14.38
N HIS C 137 37.69 -7.06 -14.93
CA HIS C 137 37.30 -6.95 -16.33
C HIS C 137 36.79 -5.54 -16.63
N ALA C 138 35.84 -5.06 -15.83
CA ALA C 138 35.28 -3.73 -16.03
C ALA C 138 36.33 -2.66 -15.79
N GLN C 139 37.21 -2.87 -14.82
CA GLN C 139 38.27 -1.90 -14.55
C GLN C 139 39.19 -1.74 -15.75
N LYS C 140 39.58 -2.85 -16.37
CA LYS C 140 40.44 -2.79 -17.55
C LYS C 140 39.74 -2.09 -18.70
N ILE C 141 38.47 -2.44 -18.95
CA ILE C 141 37.74 -1.80 -20.05
C ILE C 141 37.60 -0.30 -19.79
N CYS C 142 37.29 0.07 -18.55
CA CYS C 142 37.14 1.48 -18.21
C CYS C 142 38.44 2.24 -18.36
N LYS C 143 39.56 1.62 -17.98
CA LYS C 143 40.86 2.27 -18.15
C LYS C 143 41.16 2.54 -19.62
N ILE C 144 40.89 1.54 -20.48
CA ILE C 144 41.12 1.75 -21.91
C ILE C 144 40.22 2.84 -22.45
N MET C 145 38.95 2.85 -22.06
CA MET C 145 38.03 3.88 -22.54
C MET C 145 38.47 5.26 -22.07
N ASP C 146 38.92 5.37 -20.83
CA ASP C 146 39.39 6.65 -20.30
C ASP C 146 40.59 7.16 -21.07
N GLN C 147 41.56 6.28 -21.35
CA GLN C 147 42.73 6.72 -22.10
C GLN C 147 42.35 7.11 -23.53
N ALA C 148 41.44 6.36 -24.15
CA ALA C 148 41.00 6.67 -25.50
C ALA C 148 40.31 8.03 -25.56
N ILE C 149 39.48 8.35 -24.56
CA ILE C 149 38.83 9.66 -24.55
C ILE C 149 39.83 10.75 -24.17
N THR C 150 40.90 10.41 -23.46
CA THR C 150 41.91 11.41 -23.14
C THR C 150 42.70 11.81 -24.38
N VAL C 151 43.09 10.84 -25.21
CA VAL C 151 43.87 11.18 -26.40
C VAL C 151 43.01 11.46 -27.62
N GLY C 152 41.74 11.05 -27.62
CA GLY C 152 40.87 11.29 -28.75
C GLY C 152 41.01 10.27 -29.87
N ALA C 153 40.83 9.00 -29.54
CA ALA C 153 40.95 7.90 -30.49
C ALA C 153 39.74 6.98 -30.35
N PRO C 154 39.38 6.28 -31.41
CA PRO C 154 38.18 5.42 -31.36
C PRO C 154 38.40 4.19 -30.49
N VAL C 155 37.28 3.57 -30.12
CA VAL C 155 37.27 2.35 -29.33
C VAL C 155 36.55 1.27 -30.13
N ILE C 156 37.20 0.12 -30.30
CA ILE C 156 36.62 -1.04 -30.96
C ILE C 156 36.52 -2.15 -29.92
N GLY C 157 35.31 -2.69 -29.75
CA GLY C 157 35.10 -3.73 -28.78
C GLY C 157 34.62 -5.03 -29.38
N LEU C 158 35.41 -6.09 -29.20
CA LEU C 158 35.03 -7.44 -29.62
C LEU C 158 34.35 -8.12 -28.45
N ASN C 159 33.06 -8.44 -28.61
CA ASN C 159 32.23 -8.89 -27.52
C ASN C 159 31.99 -10.40 -27.62
N ASP C 160 32.41 -11.12 -26.59
CA ASP C 160 32.09 -12.54 -26.43
C ASP C 160 32.06 -12.80 -24.92
N SER C 161 30.87 -12.68 -24.34
CA SER C 161 30.75 -12.69 -22.89
C SER C 161 29.45 -13.35 -22.46
N GLY C 162 29.52 -14.12 -21.38
CA GLY C 162 28.34 -14.78 -20.84
C GLY C 162 27.47 -13.92 -19.95
N GLY C 163 27.87 -12.68 -19.69
CA GLY C 163 27.11 -11.77 -18.84
C GLY C 163 27.90 -11.38 -17.61
N ALA C 164 27.19 -11.18 -16.50
CA ALA C 164 27.80 -10.78 -15.24
C ALA C 164 28.23 -12.00 -14.45
N ARG C 165 29.43 -11.93 -13.88
CA ARG C 165 29.91 -13.01 -13.04
C ARG C 165 29.07 -13.07 -11.76
N ILE C 166 28.41 -14.21 -11.54
CA ILE C 166 27.43 -14.30 -10.46
C ILE C 166 28.12 -14.25 -9.11
N GLN C 167 29.30 -14.88 -9.01
CA GLN C 167 30.02 -14.89 -7.73
C GLN C 167 30.45 -13.49 -7.31
N GLU C 168 30.69 -12.60 -8.27
CA GLU C 168 31.06 -11.23 -7.94
C GLU C 168 29.96 -10.52 -7.19
N GLY C 169 28.70 -10.72 -7.61
CA GLY C 169 27.61 -10.02 -6.98
C GLY C 169 27.44 -8.61 -7.51
N VAL C 170 27.06 -7.70 -6.61
CA VAL C 170 26.78 -6.32 -6.99
C VAL C 170 27.99 -5.68 -7.65
N GLU C 171 29.20 -6.10 -7.27
CA GLU C 171 30.42 -5.67 -7.96
C GLU C 171 30.23 -5.70 -9.47
N SER C 172 29.88 -6.87 -10.01
CA SER C 172 29.72 -7.00 -11.45
C SER C 172 28.73 -5.97 -11.97
N LEU C 173 27.59 -5.83 -11.30
CA LEU C 173 26.62 -4.82 -11.71
C LEU C 173 27.28 -3.45 -11.80
N ALA C 174 27.97 -3.05 -10.72
CA ALA C 174 28.65 -1.77 -10.71
C ALA C 174 29.54 -1.62 -11.93
N GLY C 175 30.28 -2.68 -12.25
CA GLY C 175 31.17 -2.61 -13.40
C GLY C 175 30.45 -2.22 -14.66
N TYR C 176 29.35 -2.92 -14.97
CA TYR C 176 28.55 -2.55 -16.14
C TYR C 176 28.20 -1.08 -16.12
N ALA C 177 27.67 -0.60 -14.99
CA ALA C 177 27.24 0.79 -14.93
C ALA C 177 28.39 1.71 -15.26
N ASP C 178 29.57 1.44 -14.71
CA ASP C 178 30.74 2.26 -15.02
C ASP C 178 30.94 2.31 -16.53
N ILE C 179 31.03 1.14 -17.16
CA ILE C 179 31.18 1.08 -18.60
C ILE C 179 30.07 1.87 -19.27
N PHE C 180 28.82 1.62 -18.84
CA PHE C 180 27.69 2.31 -19.45
C PHE C 180 27.91 3.82 -19.39
N LEU C 181 28.28 4.32 -18.20
CA LEU C 181 28.46 5.76 -18.05
C LEU C 181 29.47 6.27 -19.05
N ARG C 182 30.61 5.58 -19.17
CA ARG C 182 31.65 6.05 -20.08
C ARG C 182 31.15 6.06 -21.51
N ASN C 183 30.36 5.04 -21.89
CA ASN C 183 29.77 5.04 -23.22
C ASN C 183 28.98 6.31 -23.45
N VAL C 184 28.08 6.63 -22.51
CA VAL C 184 27.28 7.83 -22.68
C VAL C 184 28.15 9.07 -22.64
N THR C 185 29.27 9.03 -21.90
CA THR C 185 30.17 10.17 -21.90
C THR C 185 30.94 10.27 -23.21
N ALA C 186 31.19 9.14 -23.86
CA ALA C 186 31.99 9.15 -25.09
C ALA C 186 31.13 9.30 -26.35
N SER C 187 29.81 9.26 -26.22
CA SER C 187 28.94 9.35 -27.38
C SER C 187 29.05 10.73 -28.00
N GLY C 188 29.39 10.79 -29.29
CA GLY C 188 29.59 12.03 -29.98
C GLY C 188 30.97 12.65 -29.83
N VAL C 189 31.84 12.03 -29.04
CA VAL C 189 33.21 12.51 -28.85
C VAL C 189 34.20 11.67 -29.64
N ILE C 190 34.18 10.36 -29.44
CA ILE C 190 35.00 9.43 -30.22
C ILE C 190 34.10 8.34 -30.77
N PRO C 191 34.35 7.82 -31.96
CA PRO C 191 33.53 6.72 -32.47
C PRO C 191 33.69 5.47 -31.63
N GLN C 192 32.59 4.75 -31.46
CA GLN C 192 32.59 3.50 -30.71
C GLN C 192 32.00 2.41 -31.61
N ILE C 193 32.75 1.34 -31.82
CA ILE C 193 32.33 0.26 -32.69
C ILE C 193 32.28 -1.03 -31.89
N SER C 194 31.24 -1.83 -32.10
CA SER C 194 31.08 -3.11 -31.43
C SER C 194 30.99 -4.21 -32.47
N LEU C 195 31.64 -5.33 -32.19
CA LEU C 195 31.56 -6.53 -33.03
C LEU C 195 31.29 -7.71 -32.12
N ILE C 196 30.09 -8.26 -32.19
CA ILE C 196 29.70 -9.41 -31.38
C ILE C 196 30.15 -10.68 -32.09
N MET C 197 31.07 -11.41 -31.47
CA MET C 197 31.65 -12.61 -32.06
C MET C 197 31.29 -13.86 -31.26
N GLY C 198 30.35 -13.76 -30.34
CA GLY C 198 29.93 -14.89 -29.55
C GLY C 198 28.63 -14.60 -28.82
N PRO C 199 28.15 -15.55 -28.02
CA PRO C 199 26.93 -15.31 -27.25
C PRO C 199 27.10 -14.17 -26.26
N CYS C 200 26.05 -13.38 -26.09
CA CYS C 200 26.05 -12.26 -25.16
C CYS C 200 24.69 -12.16 -24.51
N ALA C 201 24.66 -12.22 -23.18
CA ALA C 201 23.41 -12.23 -22.43
C ALA C 201 23.50 -11.29 -21.25
N GLY C 202 22.34 -10.95 -20.70
CA GLY C 202 22.28 -10.09 -19.53
C GLY C 202 22.58 -8.64 -19.83
N GLY C 203 23.40 -8.00 -19.00
CA GLY C 203 23.81 -6.64 -19.25
C GLY C 203 24.83 -6.47 -20.35
N ALA C 204 25.48 -7.57 -20.75
CA ALA C 204 26.49 -7.51 -21.79
C ALA C 204 25.92 -7.06 -23.14
N VAL C 205 24.59 -7.09 -23.30
CA VAL C 205 23.97 -6.61 -24.53
C VAL C 205 23.80 -5.11 -24.55
N TYR C 206 23.93 -4.43 -23.41
CA TYR C 206 23.56 -3.02 -23.34
C TYR C 206 24.71 -2.10 -23.75
N SER C 207 25.95 -2.46 -23.44
CA SER C 207 27.08 -1.65 -23.91
C SER C 207 27.14 -1.57 -25.43
N PRO C 208 26.99 -2.68 -26.19
CA PRO C 208 26.96 -2.54 -27.65
C PRO C 208 25.83 -1.65 -28.16
N ALA C 209 24.68 -1.66 -27.48
CA ALA C 209 23.56 -0.85 -27.95
C ALA C 209 23.85 0.64 -27.82
N LEU C 210 24.68 1.03 -26.86
CA LEU C 210 25.03 2.44 -26.69
C LEU C 210 26.12 2.90 -27.65
N THR C 211 26.83 1.99 -28.30
CA THR C 211 27.86 2.39 -29.25
C THR C 211 27.24 2.80 -30.57
N ASP C 212 28.07 3.37 -31.45
CA ASP C 212 27.56 3.93 -32.69
C ASP C 212 27.15 2.85 -33.68
N PHE C 213 27.99 1.83 -33.85
CA PHE C 213 27.73 0.78 -34.83
C PHE C 213 27.95 -0.59 -34.20
N THR C 214 27.08 -1.54 -34.57
CA THR C 214 27.09 -2.88 -34.02
C THR C 214 27.13 -3.88 -35.17
N PHE C 215 28.09 -4.79 -35.14
CA PHE C 215 28.25 -5.81 -36.17
C PHE C 215 28.21 -7.20 -35.52
N MET C 216 27.74 -8.17 -36.27
CA MET C 216 27.58 -9.53 -35.76
C MET C 216 28.17 -10.53 -36.74
N VAL C 217 28.47 -11.71 -36.22
CA VAL C 217 28.98 -12.83 -37.00
C VAL C 217 27.89 -13.88 -37.08
N LYS C 218 27.64 -14.40 -38.28
CA LYS C 218 26.56 -15.34 -38.49
C LYS C 218 26.86 -16.68 -37.82
N ASP C 219 25.82 -17.26 -37.22
CA ASP C 219 25.81 -18.64 -36.72
C ASP C 219 26.63 -18.83 -35.46
N THR C 220 27.38 -17.81 -35.03
CA THR C 220 28.20 -17.92 -33.85
C THR C 220 28.04 -16.77 -32.86
N SER C 221 27.15 -15.83 -33.13
CA SER C 221 26.96 -14.67 -32.27
C SER C 221 25.48 -14.53 -31.94
N TYR C 222 25.19 -14.14 -30.70
CA TYR C 222 23.82 -14.00 -30.22
C TYR C 222 23.73 -12.77 -29.33
N LEU C 223 22.52 -12.21 -29.24
CA LEU C 223 22.26 -11.04 -28.42
C LEU C 223 20.85 -11.17 -27.86
N PHE C 224 20.73 -11.40 -26.56
CA PHE C 224 19.42 -11.43 -25.92
C PHE C 224 19.58 -11.10 -24.45
N ILE C 225 18.56 -10.45 -23.89
CA ILE C 225 18.56 -10.14 -22.46
C ILE C 225 18.35 -11.41 -21.65
N THR C 226 17.39 -12.24 -22.05
CA THR C 226 17.10 -13.49 -21.35
C THR C 226 17.20 -14.65 -22.33
N GLY C 227 17.65 -15.79 -21.83
CA GLY C 227 17.85 -16.96 -22.65
C GLY C 227 16.56 -17.69 -22.93
N PRO C 228 16.63 -18.66 -23.84
CA PRO C 228 15.42 -19.42 -24.21
C PRO C 228 14.80 -20.17 -23.05
N ASP C 229 15.58 -20.63 -22.08
CA ASP C 229 15.02 -21.38 -20.96
C ASP C 229 14.10 -20.50 -20.12
N VAL C 230 14.52 -19.27 -19.84
CA VAL C 230 13.67 -18.35 -19.07
C VAL C 230 12.43 -17.99 -19.87
N VAL C 231 12.58 -17.84 -21.18
CA VAL C 231 11.43 -17.53 -22.04
C VAL C 231 10.42 -18.67 -21.98
N LYS C 232 10.89 -19.91 -22.04
CA LYS C 232 9.98 -21.06 -21.92
C LYS C 232 9.35 -21.11 -20.53
N SER C 233 10.11 -20.79 -19.50
CA SER C 233 9.58 -20.85 -18.14
C SER C 233 8.47 -19.82 -17.93
N VAL C 234 8.65 -18.60 -18.46
CA VAL C 234 7.72 -17.52 -18.17
C VAL C 234 6.63 -17.42 -19.25
N THR C 235 7.04 -17.12 -20.48
CA THR C 235 6.08 -16.92 -21.57
C THR C 235 5.52 -18.23 -22.08
N ASN C 236 6.23 -19.33 -21.90
CA ASN C 236 5.84 -20.66 -22.40
C ASN C 236 5.72 -20.61 -23.92
N GLU C 237 6.88 -20.42 -24.55
CA GLU C 237 7.04 -20.58 -25.99
C GLU C 237 8.39 -21.22 -26.25
N ASP C 238 8.45 -22.02 -27.31
CA ASP C 238 9.65 -22.80 -27.63
C ASP C 238 10.41 -22.10 -28.75
N VAL C 239 11.58 -21.56 -28.43
CA VAL C 239 12.47 -20.95 -29.41
C VAL C 239 13.90 -21.40 -29.13
N THR C 240 14.73 -21.34 -30.16
CA THR C 240 16.14 -21.64 -30.03
C THR C 240 16.94 -20.36 -29.82
N GLN C 241 18.24 -20.51 -29.57
CA GLN C 241 19.09 -19.35 -29.40
C GLN C 241 19.20 -18.55 -30.70
N GLU C 242 19.34 -19.24 -31.82
CA GLU C 242 19.44 -18.55 -33.11
C GLU C 242 18.16 -17.80 -33.43
N GLU C 243 17.01 -18.42 -33.19
CA GLU C 243 15.74 -17.77 -33.48
C GLU C 243 15.50 -16.57 -32.58
N LEU C 244 16.02 -16.60 -31.35
CA LEU C 244 15.77 -15.54 -30.39
C LEU C 244 16.75 -14.38 -30.51
N GLY C 245 18.02 -14.66 -30.77
CA GLY C 245 19.01 -13.60 -30.80
C GLY C 245 20.09 -13.74 -31.84
N GLY C 246 19.83 -14.55 -32.88
CA GLY C 246 20.81 -14.75 -33.91
C GLY C 246 21.08 -13.50 -34.72
N ALA C 247 22.16 -13.55 -35.51
CA ALA C 247 22.54 -12.42 -36.33
C ALA C 247 21.47 -12.08 -37.36
N LYS C 248 20.83 -13.12 -37.93
CA LYS C 248 19.74 -12.88 -38.86
C LYS C 248 18.58 -12.15 -38.19
N THR C 249 18.25 -12.53 -36.96
CA THR C 249 17.15 -11.89 -36.25
C THR C 249 17.43 -10.42 -36.02
N HIS C 250 18.66 -10.08 -35.61
CA HIS C 250 19.00 -8.71 -35.29
C HIS C 250 19.44 -7.89 -36.49
N THR C 251 19.59 -8.51 -37.66
CA THR C 251 19.90 -7.75 -38.87
C THR C 251 18.74 -7.69 -39.85
N THR C 252 17.67 -8.46 -39.66
CA THR C 252 16.56 -8.45 -40.61
C THR C 252 15.22 -8.03 -40.02
N MET C 253 15.01 -8.16 -38.72
CA MET C 253 13.72 -7.81 -38.14
C MET C 253 13.80 -7.02 -36.83
N SER C 254 14.96 -6.95 -36.18
CA SER C 254 15.03 -6.29 -34.88
C SER C 254 15.51 -4.85 -34.96
N GLY C 255 16.39 -4.55 -35.91
CA GLY C 255 16.96 -3.22 -36.00
C GLY C 255 18.08 -2.93 -35.04
N VAL C 256 18.65 -3.96 -34.41
CA VAL C 256 19.69 -3.76 -33.41
C VAL C 256 21.08 -3.77 -34.04
N ALA C 257 21.38 -4.76 -34.86
CA ALA C 257 22.68 -4.85 -35.51
C ALA C 257 22.65 -4.17 -36.88
N HIS C 258 23.83 -3.81 -37.37
CA HIS C 258 23.96 -3.10 -38.63
C HIS C 258 24.36 -3.99 -39.79
N ARG C 259 25.32 -4.90 -39.59
CA ARG C 259 25.72 -5.83 -40.63
C ARG C 259 26.10 -7.17 -40.00
N ALA C 260 25.98 -8.22 -40.78
CA ALA C 260 26.38 -9.57 -40.38
C ALA C 260 27.36 -10.11 -41.41
N PHE C 261 28.46 -10.68 -40.93
CA PHE C 261 29.50 -11.21 -41.78
C PHE C 261 29.61 -12.72 -41.63
N GLU C 262 30.27 -13.35 -42.60
CA GLU C 262 30.26 -14.81 -42.70
C GLU C 262 30.94 -15.46 -41.50
N ASN C 263 32.14 -14.99 -41.16
CA ASN C 263 32.89 -15.59 -40.05
C ASN C 263 33.81 -14.51 -39.46
N ASP C 264 34.66 -14.93 -38.53
CA ASP C 264 35.49 -13.98 -37.79
C ASP C 264 36.51 -13.29 -38.70
N VAL C 265 37.15 -14.04 -39.58
CA VAL C 265 38.18 -13.45 -40.44
C VAL C 265 37.57 -12.42 -41.37
N ASP C 266 36.46 -12.77 -42.02
CA ASP C 266 35.78 -11.84 -42.91
C ASP C 266 35.27 -10.63 -42.13
N ALA C 267 34.74 -10.87 -40.93
CA ALA C 267 34.25 -9.77 -40.11
C ALA C 267 35.36 -8.80 -39.74
N LEU C 268 36.54 -9.31 -39.41
CA LEU C 268 37.64 -8.44 -39.03
C LEU C 268 38.20 -7.67 -40.22
N CYS C 269 38.29 -8.32 -41.38
CA CYS C 269 38.71 -7.61 -42.58
C CYS C 269 37.75 -6.48 -42.92
N ASN C 270 36.45 -6.77 -42.87
CA ASN C 270 35.46 -5.73 -43.13
C ASN C 270 35.48 -4.66 -42.06
N LEU C 271 35.81 -5.02 -40.82
CA LEU C 271 35.92 -4.02 -39.77
C LEU C 271 37.07 -3.06 -40.03
N ARG C 272 38.20 -3.57 -40.50
CA ARG C 272 39.30 -2.68 -40.88
C ARG C 272 38.89 -1.76 -42.02
N ASP C 273 38.23 -2.32 -43.04
CA ASP C 273 37.79 -1.51 -44.17
C ASP C 273 36.82 -0.42 -43.72
N PHE C 274 35.88 -0.76 -42.84
CA PHE C 274 34.93 0.22 -42.33
C PHE C 274 35.62 1.27 -41.47
N PHE C 275 36.57 0.86 -40.65
CA PHE C 275 37.28 1.80 -39.79
C PHE C 275 38.04 2.82 -40.61
N ASN C 276 38.50 2.44 -41.81
CA ASN C 276 39.20 3.40 -42.66
C ASN C 276 38.35 4.62 -42.99
N TYR C 277 37.02 4.52 -42.92
CA TYR C 277 36.16 5.64 -43.29
C TYR C 277 36.10 6.73 -42.23
N LEU C 278 36.09 6.37 -40.96
CA LEU C 278 35.70 7.26 -39.88
C LEU C 278 36.86 8.15 -39.44
N PRO C 279 36.55 9.33 -38.90
CA PRO C 279 37.57 10.15 -38.25
C PRO C 279 37.88 9.63 -36.85
N LEU C 280 39.04 10.03 -36.34
CA LEU C 280 39.46 9.59 -35.03
C LEU C 280 38.75 10.30 -33.90
N SER C 281 38.16 11.46 -34.16
CA SER C 281 37.50 12.23 -33.11
C SER C 281 36.54 13.22 -33.76
N SER C 282 35.63 13.76 -32.95
CA SER C 282 34.74 14.80 -33.44
C SER C 282 35.44 16.14 -33.58
N GLN C 283 36.68 16.25 -33.10
CA GLN C 283 37.49 17.45 -33.31
C GLN C 283 38.22 17.44 -34.64
N ASP C 284 38.13 16.35 -35.39
CA ASP C 284 38.81 16.21 -36.67
C ASP C 284 37.83 16.30 -37.82
N PRO C 285 38.26 16.81 -38.96
CA PRO C 285 37.40 16.79 -40.15
C PRO C 285 37.28 15.38 -40.71
N ALA C 286 36.33 15.23 -41.63
CA ALA C 286 36.14 13.93 -42.27
C ALA C 286 37.40 13.54 -43.04
N PRO C 287 37.80 12.27 -43.00
CA PRO C 287 39.04 11.86 -43.66
C PRO C 287 39.00 12.10 -45.16
N VAL C 288 40.14 12.51 -45.70
CA VAL C 288 40.34 12.66 -47.14
C VAL C 288 41.50 11.77 -47.53
N ARG C 289 41.27 10.93 -48.54
CA ARG C 289 42.25 9.95 -48.99
C ARG C 289 42.68 10.27 -50.42
N GLU C 290 43.72 9.57 -50.86
CA GLU C 290 44.20 9.73 -52.23
C GLU C 290 43.16 9.19 -53.21
N CYS C 291 42.81 10.00 -54.21
CA CYS C 291 41.76 9.67 -55.16
C CYS C 291 42.32 9.63 -56.57
N HIS C 292 41.92 8.62 -57.33
CA HIS C 292 42.37 8.46 -58.71
C HIS C 292 41.29 8.85 -59.70
PG ATP D . -25.39 -8.52 21.78
O1G ATP D . -24.45 -8.13 20.70
O2G ATP D . -25.60 -7.43 22.83
O3G ATP D . -25.02 -9.82 22.49
PB ATP D . -27.88 -9.96 20.98
O1B ATP D . -27.74 -10.59 19.65
O2B ATP D . -27.72 -10.91 22.17
O3B ATP D . -26.85 -8.78 21.19
PA ATP D . -30.03 -8.46 22.32
O1A ATP D . -29.11 -7.66 23.15
O2A ATP D . -30.85 -9.49 23.08
O3A ATP D . -29.27 -9.21 21.16
O5' ATP D . -31.03 -7.51 21.53
C5' ATP D . -30.57 -6.66 20.46
C4' ATP D . -31.53 -5.53 20.27
O4' ATP D . -32.76 -6.03 19.67
C3' ATP D . -31.98 -4.85 21.56
O3' ATP D . -31.06 -3.84 21.95
C2' ATP D . -33.33 -4.26 21.16
O2' ATP D . -33.19 -3.03 20.46
C1' ATP D . -33.88 -5.34 20.21
N9 ATP D . -34.73 -6.32 20.87
C8 ATP D . -34.41 -7.61 21.21
N7 ATP D . -35.38 -8.26 21.79
C5 ATP D . -36.42 -7.34 21.83
C6 ATP D . -37.74 -7.43 22.33
N6 ATP D . -38.25 -8.51 22.90
N1 ATP D . -38.52 -6.33 22.21
C2 ATP D . -38.00 -5.23 21.63
N3 ATP D . -36.79 -5.05 21.14
C4 ATP D . -36.04 -6.15 21.27
MG MG E . -27.22 -7.23 24.14
C BCT F . -21.29 -4.97 23.32
O1 BCT F . -21.52 -3.78 23.19
O2 BCT F . -21.69 -5.97 22.74
O3 BCT F . -20.63 -5.31 24.54
O14 1VU G . 31.58 -25.23 -16.13
P2 1VU G . 31.51 -24.39 -17.33
O15 1VU G . 30.57 -25.08 -18.42
O16 1VU G . 32.88 -24.23 -17.89
O13 1VU G . 30.90 -22.92 -16.94
C23 1VU G . 30.23 -22.21 -17.88
C22 1VU G . 29.53 -21.05 -17.24
O12 1VU G . 29.40 -21.29 -15.80
C16 1VU G . 30.34 -20.00 -17.47
N2 1VU G . 29.56 -18.77 -17.50
C21 1VU G . 29.43 -18.00 -16.40
N6 1VU G . 29.89 -18.13 -15.11
C20 1VU G . 29.59 -17.19 -14.17
N5 1VU G . 28.82 -16.11 -14.51
C19 1VU G . 28.35 -15.97 -15.77
N4 1VU G . 27.56 -14.82 -15.97
C18 1VU G . 28.66 -16.94 -16.73
N3 1VU G . 28.33 -17.05 -18.05
C17 1VU G . 28.88 -18.16 -18.53
O11 1VU G . 30.98 -20.28 -18.90
C15 1VU G . 31.25 -21.55 -18.91
C14 1VU G . 31.04 -22.12 -20.32
O10 1VU G . 29.86 -22.93 -20.35
P1 1VU G . 29.22 -23.32 -21.83
O8 1VU G . 28.21 -24.46 -21.67
O9 1VU G . 30.33 -23.76 -22.75
O7 1VU G . 28.46 -21.98 -22.45
P 1VU G . 27.53 -22.01 -23.80
O5 1VU G . 26.60 -23.27 -23.78
O6 1VU G . 28.43 -22.06 -25.05
O4 1VU G . 26.59 -20.59 -23.84
C13 1VU G . 26.91 -19.62 -22.97
C10 1VU G . 25.65 -18.66 -22.73
C11 1VU G . 26.18 -17.23 -22.47
C12 1VU G . 24.76 -18.66 -24.00
C9 1VU G . 24.82 -19.19 -21.53
O3 1VU G . 25.53 -20.18 -20.91
C8 1VU G . 24.52 -18.03 -20.47
O2 1VU G . 23.69 -17.27 -20.67
N1 1VU G . 25.26 -17.97 -19.29
C7 1VU G . 24.99 -16.88 -18.30
C6 1VU G . 23.76 -17.11 -17.54
C5 1VU G . 22.69 -16.04 -17.96
O1 1VU G . 21.87 -16.32 -18.71
N 1VU G . 22.73 -14.66 -17.41
C4 1VU G . 23.79 -14.23 -16.43
C3 1VU G . 23.25 -13.10 -15.56
S 1VU G . 23.45 -11.51 -16.45
C2 1VU G . 22.85 -10.15 -15.36
O 1VU G . 22.60 -10.39 -14.15
C1 1VU G . 22.66 -8.70 -15.93
C 1VU G . 23.57 -7.74 -15.23
#